data_6ZOV
#
_entry.id   6ZOV
#
_cell.length_a   52.925
_cell.length_b   147.517
_cell.length_c   147.518
_cell.angle_alpha   90.000
_cell.angle_beta   90.000
_cell.angle_gamma   90.000
#
_symmetry.space_group_name_H-M   'P 21 21 21'
#
loop_
_entity.id
_entity.type
_entity.pdbx_description
1 polymer Enteropeptidase
2 non-polymer '4-carbamimidamidobenzoic acid'
3 non-polymer 'TRIETHYLENE GLYCOL'
4 non-polymer 1,2-ETHANEDIOL
5 non-polymer GLYCEROL
6 water water
#
_entity_poly.entity_id   1
_entity_poly.type   'polypeptide(L)'
_entity_poly.pdbx_seq_one_letter_code
;IVGGSDAKEGAWPWVVGLYYDDRLLCGASLVSSDWLVSAAHCVYGRNLEPSKWTAILGLHMKSNLTSPQTVPRLIDEIVI
NPHYNRRRKDNDIAMMHLEFKVNYTDYIQPISLPEENQVFPPGRNCSIAGWGTVVYQGTTADILQEADVPLLSNERCQQQ
MPEYNITENMICAGYEEGGIDSCQGDSGGPLMCQENNRWFLAGVTSFGYECALPNRPGVYARVSRFTEWIQSFLH
;
_entity_poly.pdbx_strand_id   A,B,C,D
#
# COMPACT_ATOMS: atom_id res chain seq x y z
N ILE A 1 11.53 -35.28 9.19
CA ILE A 1 10.09 -35.46 9.52
C ILE A 1 9.99 -36.60 10.55
N VAL A 2 9.50 -36.29 11.76
CA VAL A 2 9.29 -37.28 12.81
C VAL A 2 7.89 -37.86 12.64
N GLY A 3 7.78 -39.18 12.76
CA GLY A 3 6.50 -39.89 12.73
C GLY A 3 5.74 -39.90 11.42
N GLY A 4 6.45 -39.66 10.32
CA GLY A 4 5.87 -39.68 8.98
C GLY A 4 6.03 -41.03 8.33
N SER A 5 5.87 -41.04 7.01
CA SER A 5 6.08 -42.24 6.20
C SER A 5 6.72 -41.88 4.88
N ASP A 6 7.15 -42.90 4.15
CA ASP A 6 7.75 -42.75 2.83
C ASP A 6 6.72 -42.20 1.85
N ALA A 7 7.02 -41.04 1.26
CA ALA A 7 6.20 -40.52 0.16
C ALA A 7 6.44 -41.35 -1.10
N LYS A 8 5.39 -41.55 -1.89
CA LYS A 8 5.55 -42.17 -3.22
C LYS A 8 6.27 -41.21 -4.18
N GLU A 9 6.83 -41.77 -5.24
CA GLU A 9 7.39 -41.02 -6.37
C GLU A 9 6.28 -40.13 -6.97
N GLY A 10 6.58 -38.85 -7.13
CA GLY A 10 5.63 -37.87 -7.65
C GLY A 10 4.51 -37.40 -6.72
N ALA A 11 4.60 -37.70 -5.42
CA ALA A 11 3.57 -37.30 -4.44
C ALA A 11 3.52 -35.78 -4.22
N TRP A 12 4.71 -35.17 -4.12
CA TRP A 12 4.87 -33.74 -3.84
C TRP A 12 5.84 -33.16 -4.87
N PRO A 13 5.41 -33.02 -6.14
CA PRO A 13 6.30 -32.59 -7.24
C PRO A 13 6.91 -31.17 -7.14
N TRP A 14 6.37 -30.35 -6.25
CA TRP A 14 6.96 -29.04 -5.83
C TRP A 14 8.11 -29.11 -4.83
N VAL A 15 8.29 -30.24 -4.14
CA VAL A 15 9.31 -30.35 -3.08
C VAL A 15 10.68 -30.44 -3.75
N VAL A 16 11.59 -29.60 -3.29
CA VAL A 16 12.94 -29.47 -3.85
C VAL A 16 13.93 -29.65 -2.70
N GLY A 17 15.01 -30.40 -2.96
CA GLY A 17 16.10 -30.59 -2.00
C GLY A 17 17.21 -29.59 -2.30
N LEU A 18 17.65 -28.84 -1.29
CA LEU A 18 18.73 -27.85 -1.46
C LEU A 18 20.04 -28.41 -0.90
N TYR A 19 21.05 -28.49 -1.76
CA TYR A 19 22.36 -29.02 -1.42
C TYR A 19 23.36 -27.86 -1.38
N TYR A 20 24.18 -27.87 -0.33
CA TYR A 20 25.31 -26.96 -0.17
C TYR A 20 26.45 -27.86 0.28
N ASP A 21 27.61 -27.74 -0.37
CA ASP A 21 28.79 -28.60 -0.05
C ASP A 21 28.43 -30.12 -0.13
N ASP A 22 27.62 -30.48 -1.14
CA ASP A 22 27.13 -31.87 -1.36
C ASP A 22 26.32 -32.48 -0.19
N ARG A 23 25.71 -31.63 0.65
CA ARG A 23 24.92 -32.05 1.82
C ARG A 23 23.55 -31.40 1.68
N LEU A 24 22.49 -32.19 1.81
CA LEU A 24 21.12 -31.68 1.75
C LEU A 24 20.80 -31.05 3.11
N LEU A 25 20.75 -29.72 3.14
CA LEU A 25 20.56 -28.94 4.37
C LEU A 25 19.14 -28.46 4.62
N CYS A 26 18.39 -28.19 3.55
CA CYS A 26 17.06 -27.60 3.64
C CYS A 26 16.19 -28.06 2.47
N GLY A 27 14.88 -27.95 2.68
CA GLY A 27 13.90 -28.10 1.61
C GLY A 27 13.62 -26.76 0.93
N ALA A 28 12.81 -26.83 -0.12
CA ALA A 28 12.29 -25.66 -0.83
C ALA A 28 11.06 -26.06 -1.64
N SER A 29 10.31 -25.06 -2.10
CA SER A 29 9.10 -25.28 -2.91
C SER A 29 9.19 -24.57 -4.25
N LEU A 30 8.99 -25.32 -5.33
CA LEU A 30 8.95 -24.75 -6.67
C LEU A 30 7.66 -23.95 -6.83
N VAL A 31 7.79 -22.66 -7.16
CA VAL A 31 6.62 -21.77 -7.40
C VAL A 31 6.45 -21.23 -8.83
N SER A 32 7.48 -21.39 -9.66
CA SER A 32 7.40 -21.11 -11.11
C SER A 32 8.43 -21.97 -11.83
N SER A 33 8.61 -21.76 -13.14
CA SER A 33 9.65 -22.49 -13.89
C SER A 33 11.09 -22.20 -13.45
N ASP A 34 11.34 -21.06 -12.76
CA ASP A 34 12.69 -20.69 -12.31
C ASP A 34 12.83 -20.12 -10.88
N TRP A 35 11.79 -20.14 -10.04
CA TRP A 35 11.88 -19.63 -8.65
C TRP A 35 11.46 -20.63 -7.58
N LEU A 36 12.24 -20.68 -6.51
CA LEU A 36 11.94 -21.47 -5.32
C LEU A 36 11.62 -20.54 -4.15
N VAL A 37 10.75 -21.00 -3.24
CA VAL A 37 10.53 -20.40 -1.92
C VAL A 37 11.16 -21.32 -0.87
N SER A 38 12.00 -20.75 -0.02
CA SER A 38 12.63 -21.47 1.07
C SER A 38 12.68 -20.58 2.32
N ALA A 39 13.43 -21.01 3.34
CA ALA A 39 13.54 -20.27 4.60
C ALA A 39 14.81 -19.43 4.55
N ALA A 40 14.71 -18.20 5.02
CA ALA A 40 15.82 -17.27 5.16
C ALA A 40 16.99 -17.82 5.97
N HIS A 41 16.70 -18.48 7.09
CA HIS A 41 17.76 -19.03 7.96
C HIS A 41 18.61 -20.13 7.26
N CYS A 42 18.02 -20.88 6.33
CA CYS A 42 18.77 -21.84 5.50
C CYS A 42 19.91 -21.22 4.72
N VAL A 43 19.65 -20.05 4.17
CA VAL A 43 20.57 -19.32 3.28
C VAL A 43 21.34 -18.17 3.91
N TYR A 44 20.92 -17.72 5.11
CA TYR A 44 21.64 -16.70 5.89
C TYR A 44 23.07 -17.15 6.17
N GLY A 45 24.02 -16.24 5.92
CA GLY A 45 25.45 -16.56 5.94
C GLY A 45 26.02 -17.29 4.73
N ARG A 46 25.17 -17.72 3.77
CA ARG A 46 25.54 -18.51 2.58
C ARG A 46 24.84 -18.06 1.29
N ASN A 47 24.55 -16.76 1.20
CA ASN A 47 23.81 -16.15 0.07
C ASN A 47 24.68 -15.32 -0.89
N LEU A 48 25.89 -14.94 -0.48
CA LEU A 48 26.80 -14.11 -1.30
C LEU A 48 27.33 -14.85 -2.53
N GLU A 49 27.59 -16.16 -2.40
CA GLU A 49 27.94 -17.03 -3.54
C GLU A 49 26.78 -18.00 -3.80
N PRO A 50 25.74 -17.58 -4.57
CA PRO A 50 24.60 -18.46 -4.80
C PRO A 50 24.87 -19.77 -5.55
N SER A 51 25.88 -19.81 -6.43
CA SER A 51 26.25 -21.05 -7.14
CA SER A 51 26.25 -21.05 -7.14
C SER A 51 26.84 -22.17 -6.27
N LYS A 52 27.14 -21.88 -5.00
CA LYS A 52 27.42 -22.93 -4.00
C LYS A 52 26.19 -23.78 -3.65
N TRP A 53 24.98 -23.28 -3.93
CA TRP A 53 23.75 -24.03 -3.75
C TRP A 53 23.31 -24.74 -5.02
N THR A 54 22.88 -26.00 -4.87
CA THR A 54 22.31 -26.82 -5.93
C THR A 54 20.91 -27.29 -5.49
N ALA A 55 19.91 -27.01 -6.34
CA ALA A 55 18.55 -27.53 -6.17
C ALA A 55 18.41 -28.83 -6.96
N ILE A 56 17.95 -29.89 -6.29
CA ILE A 56 17.57 -31.14 -6.96
C ILE A 56 16.03 -31.19 -6.97
N LEU A 57 15.47 -31.12 -8.18
CA LEU A 57 14.05 -31.22 -8.41
C LEU A 57 13.73 -32.64 -8.87
N GLY A 58 12.49 -33.06 -8.63
CA GLY A 58 12.06 -34.45 -8.87
C GLY A 58 12.78 -35.51 -8.05
N LEU A 59 13.30 -35.13 -6.88
CA LEU A 59 14.04 -36.06 -5.99
C LEU A 59 13.03 -36.86 -5.16
N HIS A 60 13.29 -38.17 -5.07
CA HIS A 60 12.55 -39.09 -4.20
C HIS A 60 13.48 -39.60 -3.08
N MET A 61 14.54 -40.31 -3.47
CA MET A 61 15.51 -40.87 -2.53
C MET A 61 16.89 -40.27 -2.77
N LYS A 62 17.51 -39.77 -1.68
CA LYS A 62 18.88 -39.24 -1.70
C LYS A 62 19.96 -40.22 -2.20
N SER A 63 19.77 -41.52 -1.95
CA SER A 63 20.67 -42.56 -2.45
C SER A 63 20.46 -42.95 -3.95
N ASN A 64 19.48 -42.33 -4.63
CA ASN A 64 19.26 -42.48 -6.06
C ASN A 64 19.06 -41.07 -6.67
N LEU A 65 20.19 -40.40 -6.85
CA LEU A 65 20.28 -39.08 -7.50
C LEU A 65 20.25 -39.23 -9.02
N THR A 66 20.97 -40.23 -9.55
CA THR A 66 21.03 -40.53 -10.97
C THR A 66 19.87 -41.45 -11.40
N SER A 67 18.71 -40.82 -11.56
CA SER A 67 17.51 -41.44 -12.16
C SER A 67 16.86 -40.42 -13.11
N PRO A 68 16.10 -40.89 -14.14
CA PRO A 68 15.66 -39.98 -15.21
C PRO A 68 14.71 -38.84 -14.78
N GLN A 69 13.90 -39.09 -13.75
CA GLN A 69 13.00 -38.08 -13.19
C GLN A 69 13.65 -36.90 -12.42
N THR A 70 14.92 -37.02 -11.99
CA THR A 70 15.59 -35.92 -11.27
C THR A 70 16.23 -34.92 -12.22
N VAL A 71 16.22 -33.65 -11.82
CA VAL A 71 16.84 -32.54 -12.56
C VAL A 71 17.65 -31.69 -11.55
N PRO A 72 18.98 -31.53 -11.77
CA PRO A 72 19.77 -30.61 -10.94
C PRO A 72 19.80 -29.19 -11.53
N ARG A 73 19.80 -28.19 -10.66
CA ARG A 73 19.95 -26.78 -11.05
C ARG A 73 20.79 -26.02 -10.05
N LEU A 74 21.84 -25.34 -10.53
CA LEU A 74 22.55 -24.35 -9.72
C LEU A 74 21.64 -23.14 -9.47
N ILE A 75 21.78 -22.55 -8.28
CA ILE A 75 21.11 -21.32 -7.91
C ILE A 75 22.04 -20.20 -8.32
N ASP A 76 21.52 -19.17 -8.98
CA ASP A 76 22.32 -17.96 -9.32
C ASP A 76 21.83 -16.64 -8.65
N GLU A 77 20.77 -16.71 -7.83
CA GLU A 77 20.32 -15.56 -7.05
C GLU A 77 19.53 -16.02 -5.82
N ILE A 78 19.85 -15.42 -4.68
CA ILE A 78 19.16 -15.66 -3.42
C ILE A 78 18.74 -14.30 -2.87
N VAL A 79 17.45 -14.14 -2.60
CA VAL A 79 16.90 -12.90 -2.02
C VAL A 79 16.18 -13.28 -0.73
N ILE A 80 16.81 -12.94 0.39
CA ILE A 80 16.20 -13.08 1.72
C ILE A 80 15.13 -12.00 1.85
N ASN A 81 14.05 -12.29 2.57
CA ASN A 81 13.02 -11.28 2.84
C ASN A 81 13.66 -10.08 3.53
N PRO A 82 13.37 -8.84 3.04
CA PRO A 82 14.02 -7.67 3.66
C PRO A 82 13.68 -7.39 5.13
N HIS A 83 12.59 -7.98 5.66
CA HIS A 83 12.24 -7.90 7.09
C HIS A 83 12.67 -9.11 7.92
N TYR A 84 13.53 -9.98 7.38
CA TYR A 84 14.04 -11.12 8.14
C TYR A 84 14.82 -10.62 9.37
N ASN A 85 14.38 -11.08 10.54
CA ASN A 85 15.06 -10.84 11.80
C ASN A 85 15.53 -12.21 12.29
N ARG A 86 16.84 -12.41 12.36
CA ARG A 86 17.47 -13.69 12.73
C ARG A 86 17.10 -14.08 14.17
N ARG A 87 17.38 -13.16 15.11
CA ARG A 87 17.19 -13.41 16.54
C ARG A 87 15.74 -13.82 16.89
N ARG A 88 14.77 -13.03 16.42
CA ARG A 88 13.33 -13.28 16.66
C ARG A 88 12.69 -14.35 15.74
N LYS A 89 13.38 -14.77 14.68
CA LYS A 89 12.91 -15.79 13.71
C LYS A 89 11.72 -15.33 12.84
N ASP A 90 11.48 -14.02 12.78
CA ASP A 90 10.32 -13.46 12.11
C ASP A 90 10.65 -13.24 10.61
N ASN A 91 9.66 -13.44 9.75
CA ASN A 91 9.79 -13.29 8.29
C ASN A 91 10.87 -14.22 7.70
N ASP A 92 10.80 -15.48 8.11
CA ASP A 92 11.81 -16.46 7.81
C ASP A 92 11.48 -17.09 6.47
N ILE A 93 11.75 -16.33 5.41
CA ILE A 93 11.41 -16.72 4.06
C ILE A 93 12.39 -16.11 3.06
N ALA A 94 12.64 -16.82 1.96
CA ALA A 94 13.60 -16.39 0.95
C ALA A 94 13.24 -16.91 -0.43
N MET A 95 13.64 -16.15 -1.45
CA MET A 95 13.51 -16.51 -2.86
C MET A 95 14.85 -16.98 -3.40
N MET A 96 14.83 -18.02 -4.24
CA MET A 96 16.03 -18.60 -4.83
C MET A 96 15.79 -18.88 -6.32
N HIS A 97 16.63 -18.29 -7.19
CA HIS A 97 16.49 -18.39 -8.65
C HIS A 97 17.30 -19.56 -9.22
N LEU A 98 16.64 -20.38 -10.03
CA LEU A 98 17.28 -21.46 -10.79
C LEU A 98 17.98 -20.82 -11.99
N GLU A 99 19.25 -21.18 -12.20
CA GLU A 99 20.06 -20.61 -13.30
C GLU A 99 19.43 -20.80 -14.67
N PHE A 100 18.82 -21.98 -14.86
CA PHE A 100 18.03 -22.29 -16.06
C PHE A 100 16.66 -22.78 -15.61
N LYS A 101 15.64 -22.49 -16.42
CA LYS A 101 14.27 -22.93 -16.12
C LYS A 101 14.16 -24.46 -16.16
N VAL A 102 13.16 -24.98 -15.46
CA VAL A 102 12.81 -26.40 -15.52
C VAL A 102 11.53 -26.58 -16.35
N ASN A 103 11.46 -27.70 -17.07
CA ASN A 103 10.24 -28.15 -17.72
C ASN A 103 9.47 -29.03 -16.74
N TYR A 104 8.16 -28.84 -16.69
CA TYR A 104 7.29 -29.56 -15.76
C TYR A 104 6.99 -30.99 -16.25
N THR A 105 6.97 -31.92 -15.29
CA THR A 105 6.69 -33.34 -15.52
C THR A 105 5.73 -33.82 -14.42
N ASP A 106 5.43 -35.12 -14.38
CA ASP A 106 4.74 -35.72 -13.22
C ASP A 106 5.50 -35.61 -11.88
N TYR A 107 6.82 -35.44 -11.96
CA TYR A 107 7.71 -35.31 -10.79
C TYR A 107 8.14 -33.88 -10.45
N ILE A 108 7.90 -32.91 -11.35
CA ILE A 108 8.31 -31.50 -11.18
C ILE A 108 7.12 -30.61 -11.58
N GLN A 109 6.55 -29.91 -10.61
CA GLN A 109 5.38 -29.03 -10.80
C GLN A 109 5.44 -27.87 -9.80
N PRO A 110 4.95 -26.67 -10.19
CA PRO A 110 4.91 -25.59 -9.19
C PRO A 110 3.72 -25.74 -8.23
N ILE A 111 3.85 -25.22 -7.01
CA ILE A 111 2.73 -25.14 -6.05
C ILE A 111 2.12 -23.74 -6.11
N SER A 112 0.80 -23.67 -6.11
CA SER A 112 0.08 -22.39 -6.09
C SER A 112 0.32 -21.65 -4.76
N LEU A 113 0.48 -20.32 -4.86
CA LEU A 113 0.53 -19.45 -3.69
C LEU A 113 -0.87 -19.22 -3.15
N PRO A 114 -1.02 -18.93 -1.84
CA PRO A 114 -2.35 -18.56 -1.35
C PRO A 114 -2.81 -17.20 -1.88
N GLU A 115 -4.12 -16.97 -1.86
CA GLU A 115 -4.68 -15.62 -2.02
C GLU A 115 -4.30 -14.78 -0.79
N GLU A 116 -4.19 -13.46 -0.95
CA GLU A 116 -3.57 -12.59 0.08
C GLU A 116 -4.27 -12.62 1.47
N ASN A 117 -5.58 -12.84 1.51
CA ASN A 117 -6.28 -13.07 2.82
C ASN A 117 -6.78 -14.50 3.03
N GLN A 118 -6.15 -15.50 2.39
CA GLN A 118 -6.70 -16.87 2.36
C GLN A 118 -6.56 -17.50 3.74
N VAL A 119 -7.63 -18.16 4.17
CA VAL A 119 -7.72 -18.72 5.52
C VAL A 119 -7.57 -20.24 5.46
N PHE A 120 -6.52 -20.70 6.14
CA PHE A 120 -6.29 -22.10 6.44
C PHE A 120 -6.65 -22.24 7.93
N PRO A 121 -7.90 -22.63 8.25
CA PRO A 121 -8.37 -22.50 9.63
C PRO A 121 -7.76 -23.54 10.60
N PRO A 122 -7.64 -23.17 11.91
CA PRO A 122 -7.22 -24.12 12.95
C PRO A 122 -8.04 -25.41 12.98
N GLY A 123 -7.36 -26.55 13.18
CA GLY A 123 -8.00 -27.87 13.17
C GLY A 123 -7.97 -28.64 11.85
N ARG A 124 -7.74 -27.95 10.72
CA ARG A 124 -7.60 -28.61 9.43
C ARG A 124 -6.24 -29.28 9.30
N ASN A 125 -6.23 -30.49 8.73
CA ASN A 125 -4.99 -31.22 8.45
C ASN A 125 -4.39 -30.70 7.15
N CYS A 126 -3.15 -30.22 7.26
CA CYS A 126 -2.30 -29.90 6.13
C CYS A 126 -1.15 -30.91 6.14
N SER A 127 -0.31 -30.86 5.10
CA SER A 127 0.78 -31.81 4.93
C SER A 127 2.16 -31.13 4.94
N ILE A 128 3.16 -31.87 5.46
CA ILE A 128 4.56 -31.46 5.45
C ILE A 128 5.40 -32.57 4.82
N ALA A 129 6.57 -32.19 4.31
CA ALA A 129 7.48 -33.14 3.71
C ALA A 129 8.95 -32.69 3.76
N GLY A 130 9.85 -33.67 3.78
CA GLY A 130 11.29 -33.43 3.72
C GLY A 130 12.18 -34.60 4.03
N TRP A 131 13.48 -34.36 3.90
CA TRP A 131 14.52 -35.35 4.12
C TRP A 131 15.27 -35.12 5.44
N GLY A 132 14.68 -34.32 6.34
CA GLY A 132 15.29 -34.02 7.62
C GLY A 132 15.31 -35.20 8.58
N THR A 133 15.71 -34.92 9.81
CA THR A 133 15.89 -35.97 10.82
C THR A 133 14.53 -36.62 11.16
N VAL A 134 14.57 -37.94 11.39
CA VAL A 134 13.35 -38.75 11.65
C VAL A 134 13.00 -38.86 13.13
N VAL A 135 13.95 -38.56 14.00
CA VAL A 135 13.71 -38.29 15.43
C VAL A 135 14.57 -37.06 15.82
N TYR A 136 14.20 -36.39 16.90
CA TYR A 136 15.00 -35.28 17.43
C TYR A 136 16.45 -35.74 17.73
N GLN A 137 17.41 -35.04 17.13
CA GLN A 137 18.85 -35.36 17.19
C GLN A 137 19.23 -36.75 16.63
N GLY A 138 18.40 -37.30 15.74
CA GLY A 138 18.65 -38.59 15.10
C GLY A 138 19.22 -38.37 13.71
N THR A 139 19.06 -39.39 12.87
CA THR A 139 19.61 -39.39 11.51
C THR A 139 18.63 -38.88 10.46
N THR A 140 19.16 -38.43 9.33
CA THR A 140 18.36 -37.94 8.21
C THR A 140 17.68 -39.06 7.44
N ALA A 141 16.55 -38.73 6.80
CA ALA A 141 15.83 -39.67 5.94
C ALA A 141 16.56 -39.84 4.60
N ASP A 142 16.48 -41.05 4.03
CA ASP A 142 16.95 -41.30 2.66
C ASP A 142 15.79 -40.99 1.70
N ILE A 143 14.69 -41.71 1.88
CA ILE A 143 13.46 -41.54 1.10
C ILE A 143 12.73 -40.32 1.67
N LEU A 144 12.18 -39.49 0.79
CA LEU A 144 11.36 -38.32 1.16
C LEU A 144 10.22 -38.76 2.10
N GLN A 145 10.14 -38.09 3.25
CA GLN A 145 9.15 -38.36 4.28
C GLN A 145 8.01 -37.37 4.18
N GLU A 146 6.79 -37.86 4.43
CA GLU A 146 5.58 -37.04 4.48
C GLU A 146 4.81 -37.26 5.77
N ALA A 147 4.06 -36.25 6.20
CA ALA A 147 3.13 -36.38 7.32
C ALA A 147 2.03 -35.34 7.24
N ASP A 148 0.92 -35.62 7.93
CA ASP A 148 -0.21 -34.70 8.09
C ASP A 148 -0.20 -34.15 9.52
N VAL A 149 -0.35 -32.83 9.65
CA VAL A 149 -0.33 -32.12 10.93
C VAL A 149 -1.49 -31.11 10.95
N PRO A 150 -2.20 -30.97 12.09
CA PRO A 150 -3.31 -30.04 12.14
C PRO A 150 -2.83 -28.63 12.47
N LEU A 151 -3.47 -27.64 11.87
CA LEU A 151 -3.12 -26.24 12.08
C LEU A 151 -3.61 -25.77 13.45
N LEU A 152 -2.85 -24.87 14.06
CA LEU A 152 -3.22 -24.20 15.32
C LEU A 152 -3.62 -22.76 15.02
N SER A 153 -4.36 -22.17 15.96
CA SER A 153 -4.49 -20.71 16.04
C SER A 153 -3.15 -20.15 16.53
N ASN A 154 -2.85 -18.91 16.12
CA ASN A 154 -1.67 -18.19 16.62
C ASN A 154 -1.70 -17.94 18.13
N GLU A 155 -2.90 -17.72 18.68
CA GLU A 155 -3.10 -17.58 20.13
C GLU A 155 -2.67 -18.85 20.91
N ARG A 156 -3.14 -20.00 20.44
CA ARG A 156 -2.77 -21.30 21.04
CA ARG A 156 -2.78 -21.31 21.04
C ARG A 156 -1.28 -21.60 20.87
N CYS A 157 -0.74 -21.30 19.68
CA CYS A 157 0.69 -21.45 19.42
C CYS A 157 1.55 -20.58 20.33
N GLN A 158 1.13 -19.33 20.55
CA GLN A 158 1.83 -18.41 21.46
C GLN A 158 1.84 -18.92 22.89
N GLN A 159 0.69 -19.41 23.36
CA GLN A 159 0.56 -20.08 24.68
C GLN A 159 1.53 -21.26 24.84
N GLN A 160 1.65 -22.07 23.79
CA GLN A 160 2.59 -23.21 23.75
C GLN A 160 4.07 -22.84 23.51
N MET A 161 4.34 -21.61 23.07
CA MET A 161 5.68 -21.10 22.78
C MET A 161 5.91 -19.75 23.49
N PRO A 162 5.75 -19.71 24.82
CA PRO A 162 5.91 -18.45 25.54
C PRO A 162 7.33 -17.82 25.51
N GLU A 163 8.35 -18.64 25.20
CA GLU A 163 9.74 -18.18 25.05
C GLU A 163 10.01 -17.50 23.69
N TYR A 164 9.04 -17.55 22.77
CA TYR A 164 9.15 -17.04 21.42
C TYR A 164 8.11 -15.94 21.16
N ASN A 165 8.38 -15.13 20.14
CA ASN A 165 7.43 -14.14 19.65
C ASN A 165 6.75 -14.75 18.42
N ILE A 166 5.54 -15.29 18.65
CA ILE A 166 4.72 -15.84 17.59
C ILE A 166 3.94 -14.68 16.96
N THR A 167 4.31 -14.33 15.73
CA THR A 167 3.76 -13.20 15.01
C THR A 167 2.72 -13.65 13.99
N GLU A 168 1.99 -12.65 13.49
CA GLU A 168 1.13 -12.79 12.30
C GLU A 168 1.82 -13.33 11.03
N ASN A 169 3.16 -13.23 10.97
CA ASN A 169 3.96 -13.81 9.89
C ASN A 169 4.30 -15.28 10.06
N MET A 170 3.70 -15.92 11.06
CA MET A 170 3.89 -17.31 11.33
C MET A 170 2.54 -18.02 11.37
N ILE A 171 2.57 -19.31 11.06
CA ILE A 171 1.46 -20.24 11.17
C ILE A 171 2.01 -21.50 11.81
N CYS A 172 1.27 -22.09 12.76
CA CYS A 172 1.73 -23.22 13.55
C CYS A 172 0.91 -24.46 13.28
N ALA A 173 1.59 -25.61 13.33
CA ALA A 173 0.94 -26.91 13.18
C ALA A 173 1.63 -27.97 14.02
N GLY A 174 0.82 -28.86 14.61
CA GLY A 174 1.32 -29.88 15.53
C GLY A 174 0.18 -30.53 16.29
N TYR A 175 0.46 -31.70 16.85
CA TYR A 175 -0.50 -32.44 17.67
C TYR A 175 -0.30 -32.09 19.14
N GLU A 176 -1.41 -32.09 19.89
CA GLU A 176 -1.37 -31.95 21.35
C GLU A 176 -0.42 -32.99 21.99
N GLU A 177 -0.53 -34.22 21.52
CA GLU A 177 0.30 -35.36 21.96
C GLU A 177 1.73 -35.47 21.37
N GLY A 178 2.13 -34.58 20.46
CA GLY A 178 3.40 -34.70 19.74
C GLY A 178 3.41 -35.90 18.80
N GLY A 179 4.62 -36.41 18.54
CA GLY A 179 4.81 -37.63 17.75
C GLY A 179 5.02 -37.43 16.25
N ILE A 180 4.33 -36.43 15.67
CA ILE A 180 4.38 -36.15 14.23
C ILE A 180 4.73 -34.67 14.06
N ASP A 181 5.83 -34.38 13.36
CA ASP A 181 6.36 -33.02 13.26
C ASP A 181 7.46 -32.90 12.22
N SER A 182 7.75 -31.66 11.81
CA SER A 182 8.97 -31.34 11.08
CA SER A 182 8.97 -31.35 11.09
C SER A 182 10.16 -31.34 12.05
N CYS A 183 11.36 -31.41 11.47
CA CYS A 183 12.59 -31.40 12.28
C CYS A 183 13.78 -30.88 11.46
N GLN A 184 14.96 -30.84 12.09
CA GLN A 184 16.20 -30.33 11.46
C GLN A 184 16.42 -31.01 10.10
N GLY A 185 16.73 -30.21 9.07
CA GLY A 185 16.83 -30.69 7.68
C GLY A 185 15.55 -30.53 6.84
N ASP A 186 14.37 -30.40 7.48
CA ASP A 186 13.11 -30.13 6.79
C ASP A 186 12.82 -28.65 6.55
N SER A 187 13.54 -27.75 7.22
CA SER A 187 13.26 -26.31 7.10
C SER A 187 13.50 -25.80 5.68
N GLY A 188 12.70 -24.79 5.31
CA GLY A 188 12.60 -24.32 3.93
C GLY A 188 11.58 -25.04 3.09
N GLY A 189 11.24 -26.29 3.43
CA GLY A 189 10.22 -27.04 2.73
C GLY A 189 8.81 -26.56 3.00
N PRO A 190 7.82 -27.18 2.32
CA PRO A 190 6.44 -26.71 2.39
C PRO A 190 5.62 -27.25 3.55
N LEU A 191 4.68 -26.42 3.98
CA LEU A 191 3.44 -26.82 4.63
C LEU A 191 2.39 -26.56 3.55
N MET A 192 1.77 -27.63 3.04
CA MET A 192 0.78 -27.54 1.95
C MET A 192 -0.60 -27.93 2.43
N CYS A 193 -1.60 -27.11 2.11
CA CYS A 193 -3.00 -27.35 2.46
C CYS A 193 -3.82 -27.44 1.19
N GLN A 194 -4.73 -28.42 1.15
CA GLN A 194 -5.63 -28.63 0.01
C GLN A 194 -6.97 -27.96 0.26
N GLU A 195 -7.46 -27.25 -0.75
CA GLU A 195 -8.83 -26.71 -0.78
C GLU A 195 -9.32 -26.72 -2.22
N ASN A 196 -10.56 -27.18 -2.45
CA ASN A 196 -11.15 -27.36 -3.80
C ASN A 196 -10.29 -28.20 -4.78
N ASN A 197 -9.72 -29.29 -4.26
CA ASN A 197 -8.80 -30.17 -5.00
C ASN A 197 -7.53 -29.50 -5.59
N ARG A 198 -7.07 -28.42 -4.95
CA ARG A 198 -5.84 -27.69 -5.32
C ARG A 198 -4.98 -27.53 -4.06
N TRP A 199 -3.70 -27.85 -4.19
CA TRP A 199 -2.73 -27.68 -3.10
C TRP A 199 -2.18 -26.26 -3.10
N PHE A 200 -2.08 -25.66 -1.91
CA PHE A 200 -1.58 -24.29 -1.70
C PHE A 200 -0.40 -24.32 -0.72
N LEU A 201 0.61 -23.49 -0.99
CA LEU A 201 1.75 -23.34 -0.11
C LEU A 201 1.35 -22.41 1.03
N ALA A 202 0.84 -22.99 2.12
CA ALA A 202 0.40 -22.22 3.29
C ALA A 202 1.55 -21.76 4.18
N GLY A 203 2.61 -22.58 4.24
CA GLY A 203 3.75 -22.30 5.11
C GLY A 203 5.08 -22.74 4.56
N VAL A 204 6.14 -22.18 5.14
CA VAL A 204 7.52 -22.60 4.90
C VAL A 204 8.02 -23.05 6.26
N THR A 205 8.45 -24.30 6.33
CA THR A 205 9.04 -24.92 7.54
C THR A 205 10.19 -24.08 8.14
N SER A 206 10.02 -23.61 9.39
CA SER A 206 10.86 -22.56 9.98
C SER A 206 11.55 -22.99 11.28
N PHE A 207 10.80 -23.23 12.34
CA PHE A 207 11.39 -23.57 13.64
C PHE A 207 10.41 -24.21 14.60
N GLY A 208 10.95 -24.67 15.73
CA GLY A 208 10.16 -25.09 16.88
C GLY A 208 11.05 -25.41 18.06
N TYR A 209 10.44 -25.76 19.19
CA TYR A 209 11.19 -26.22 20.36
C TYR A 209 11.42 -27.72 20.19
N GLU A 210 12.69 -28.09 19.97
CA GLU A 210 13.07 -29.45 19.60
C GLU A 210 12.18 -29.93 18.44
N CYS A 211 11.78 -31.21 18.42
CA CYS A 211 10.83 -31.73 17.42
C CYS A 211 9.92 -32.76 18.07
N ALA A 212 8.67 -32.79 17.61
CA ALA A 212 7.69 -33.83 17.95
C ALA A 212 7.30 -33.93 19.44
N LEU A 213 7.52 -32.88 20.22
CA LEU A 213 7.17 -32.89 21.66
C LEU A 213 5.66 -32.58 21.81
N PRO A 214 5.03 -33.07 22.90
CA PRO A 214 3.63 -32.69 23.18
C PRO A 214 3.48 -31.18 23.37
N ASN A 215 2.45 -30.59 22.75
CA ASN A 215 2.16 -29.15 22.85
C ASN A 215 3.36 -28.24 22.53
N ARG A 216 4.13 -28.65 21.52
CA ARG A 216 5.27 -27.90 21.01
C ARG A 216 5.19 -28.03 19.48
N PRO A 217 4.39 -27.14 18.86
CA PRO A 217 4.10 -27.30 17.44
C PRO A 217 5.26 -26.83 16.56
N GLY A 218 5.21 -27.23 15.30
CA GLY A 218 6.04 -26.60 14.26
C GLY A 218 5.53 -25.21 13.96
N VAL A 219 6.46 -24.27 13.81
CA VAL A 219 6.18 -22.91 13.41
C VAL A 219 6.66 -22.78 11.97
N TYR A 220 5.82 -22.17 11.15
CA TYR A 220 6.01 -22.08 9.70
C TYR A 220 5.83 -20.63 9.32
N ALA A 221 6.64 -20.12 8.39
CA ALA A 221 6.44 -18.76 7.89
C ALA A 221 5.14 -18.75 7.09
N ARG A 222 4.23 -17.81 7.42
CA ARG A 222 2.90 -17.77 6.83
C ARG A 222 2.94 -17.12 5.44
N VAL A 223 2.82 -17.94 4.41
CA VAL A 223 3.09 -17.53 3.02
C VAL A 223 2.10 -16.51 2.47
N SER A 224 0.83 -16.58 2.88
CA SER A 224 -0.18 -15.53 2.53
C SER A 224 0.29 -14.10 2.79
N ARG A 225 1.07 -13.90 3.85
CA ARG A 225 1.66 -12.60 4.19
C ARG A 225 2.76 -12.13 3.23
N PHE A 226 3.34 -13.05 2.46
CA PHE A 226 4.41 -12.77 1.50
C PHE A 226 4.07 -13.02 0.01
N THR A 227 2.81 -13.38 -0.28
CA THR A 227 2.33 -13.63 -1.64
C THR A 227 2.68 -12.51 -2.63
N GLU A 228 2.36 -11.28 -2.25
CA GLU A 228 2.67 -10.09 -3.06
C GLU A 228 4.18 -9.93 -3.32
N TRP A 229 4.98 -10.05 -2.26
CA TRP A 229 6.44 -10.03 -2.36
C TRP A 229 6.97 -11.17 -3.26
N ILE A 230 6.47 -12.39 -3.08
CA ILE A 230 6.87 -13.55 -3.90
C ILE A 230 6.51 -13.33 -5.37
N GLN A 231 5.27 -12.92 -5.62
CA GLN A 231 4.76 -12.65 -6.99
C GLN A 231 5.51 -11.60 -7.79
N SER A 232 6.11 -10.61 -7.10
CA SER A 232 6.98 -9.62 -7.76
C SER A 232 8.24 -10.19 -8.48
N PHE A 233 8.69 -11.38 -8.09
CA PHE A 233 9.79 -12.09 -8.77
C PHE A 233 9.39 -12.92 -10.02
N LEU A 234 8.11 -13.25 -10.20
CA LEU A 234 7.67 -14.30 -11.14
C LEU A 234 7.32 -13.80 -12.55
N ILE B 1 24.29 19.16 3.57
CA ILE B 1 23.45 20.33 4.00
C ILE B 1 23.80 21.50 3.08
N VAL B 2 22.83 21.98 2.30
CA VAL B 2 23.01 23.15 1.43
C VAL B 2 22.68 24.40 2.25
N GLY B 3 23.53 25.43 2.11
CA GLY B 3 23.32 26.72 2.73
C GLY B 3 23.38 26.80 4.23
N GLY B 4 24.05 25.83 4.85
CA GLY B 4 24.22 25.79 6.31
C GLY B 4 25.49 26.48 6.75
N SER B 5 25.91 26.16 7.96
CA SER B 5 27.19 26.61 8.51
C SER B 5 27.81 25.50 9.33
N ASP B 6 29.08 25.71 9.68
CA ASP B 6 29.84 24.79 10.52
C ASP B 6 29.22 24.74 11.92
N ALA B 7 28.81 23.55 12.34
CA ALA B 7 28.39 23.33 13.72
C ALA B 7 29.60 23.36 14.65
N LYS B 8 29.40 23.92 15.85
CA LYS B 8 30.43 23.85 16.91
C LYS B 8 30.59 22.41 17.41
N GLU B 9 31.74 22.13 18.01
CA GLU B 9 31.97 20.87 18.73
C GLU B 9 30.94 20.75 19.86
N GLY B 10 30.26 19.60 19.93
CA GLY B 10 29.22 19.36 20.93
C GLY B 10 27.88 20.06 20.76
N ALA B 11 27.63 20.65 19.58
CA ALA B 11 26.35 21.32 19.27
C ALA B 11 25.18 20.34 19.19
N TRP B 12 25.41 19.20 18.54
CA TRP B 12 24.38 18.18 18.29
C TRP B 12 24.92 16.81 18.71
N PRO B 13 25.08 16.58 20.03
CA PRO B 13 25.74 15.35 20.54
C PRO B 13 25.04 14.00 20.23
N TRP B 14 23.79 14.05 19.79
CA TRP B 14 23.02 12.92 19.22
C TRP B 14 23.35 12.56 17.76
N VAL B 15 23.97 13.46 17.01
CA VAL B 15 24.24 13.24 15.58
C VAL B 15 25.36 12.22 15.43
N VAL B 16 25.10 11.19 14.64
CA VAL B 16 26.02 10.06 14.42
C VAL B 16 26.25 9.92 12.93
N GLY B 17 27.51 9.66 12.56
CA GLY B 17 27.90 9.42 11.16
C GLY B 17 27.96 7.93 10.92
N LEU B 18 27.28 7.45 9.88
CA LEU B 18 27.26 6.02 9.52
C LEU B 18 28.18 5.77 8.33
N TYR B 19 29.17 4.90 8.53
CA TYR B 19 30.14 4.54 7.52
C TYR B 19 29.88 3.12 7.03
N TYR B 20 29.92 2.96 5.71
CA TYR B 20 29.84 1.67 5.03
C TYR B 20 30.96 1.71 4.00
N ASP B 21 31.79 0.67 3.95
CA ASP B 21 32.96 0.62 3.05
C ASP B 21 33.89 1.87 3.19
N ASP B 22 34.10 2.30 4.44
CA ASP B 22 34.89 3.51 4.78
C ASP B 22 34.40 4.84 4.16
N ARG B 23 33.11 4.92 3.83
CA ARG B 23 32.49 6.11 3.22
C ARG B 23 31.31 6.48 4.11
N LEU B 24 31.23 7.76 4.49
CA LEU B 24 30.11 8.25 5.29
C LEU B 24 28.92 8.47 4.34
N LEU B 25 27.94 7.57 4.42
CA LEU B 25 26.78 7.53 3.52
C LEU B 25 25.52 8.14 4.07
N CYS B 26 25.32 8.07 5.39
CA CYS B 26 24.10 8.53 6.04
C CYS B 26 24.37 9.03 7.44
N GLY B 27 23.46 9.84 7.94
CA GLY B 27 23.42 10.24 9.35
C GLY B 27 22.57 9.28 10.17
N ALA B 28 22.57 9.51 11.48
CA ALA B 28 21.70 8.81 12.42
C ALA B 28 21.61 9.61 13.72
N SER B 29 20.66 9.24 14.58
CA SER B 29 20.43 9.91 15.87
C SER B 29 20.50 8.91 17.01
N LEU B 30 21.35 9.20 18.00
CA LEU B 30 21.45 8.39 19.20
C LEU B 30 20.19 8.62 20.04
N VAL B 31 19.47 7.52 20.34
CA VAL B 31 18.24 7.58 21.21
C VAL B 31 18.34 6.83 22.54
N SER B 32 19.38 6.01 22.73
CA SER B 32 19.69 5.38 24.04
C SER B 32 21.20 5.07 24.08
N SER B 33 21.65 4.39 25.13
CA SER B 33 23.06 4.00 25.19
C SER B 33 23.51 2.98 24.10
N ASP B 34 22.57 2.29 23.45
CA ASP B 34 22.83 1.25 22.48
C ASP B 34 22.05 1.29 21.12
N TRP B 35 21.14 2.26 20.92
CA TRP B 35 20.28 2.28 19.71
C TRP B 35 20.33 3.62 18.97
N LEU B 36 20.38 3.52 17.63
CA LEU B 36 20.30 4.65 16.73
C LEU B 36 19.00 4.59 15.93
N VAL B 37 18.48 5.77 15.57
CA VAL B 37 17.39 5.91 14.60
C VAL B 37 17.99 6.51 13.32
N SER B 38 17.72 5.84 12.19
CA SER B 38 18.18 6.28 10.88
C SER B 38 17.08 6.04 9.85
N ALA B 39 17.41 6.18 8.56
CA ALA B 39 16.45 6.00 7.48
C ALA B 39 16.59 4.60 6.93
N ALA B 40 15.45 3.96 6.67
CA ALA B 40 15.37 2.65 6.06
C ALA B 40 16.11 2.54 4.72
N HIS B 41 15.96 3.54 3.87
CA HIS B 41 16.60 3.51 2.53
C HIS B 41 18.15 3.51 2.60
N CYS B 42 18.72 4.11 3.65
CA CYS B 42 20.18 4.07 3.89
C CYS B 42 20.71 2.64 4.00
N VAL B 43 19.94 1.81 4.71
CA VAL B 43 20.33 0.44 5.06
C VAL B 43 19.70 -0.65 4.21
N TYR B 44 18.64 -0.34 3.45
CA TYR B 44 17.96 -1.34 2.60
C TYR B 44 18.93 -1.82 1.52
N GLY B 45 19.00 -3.13 1.32
CA GLY B 45 20.04 -3.78 0.49
C GLY B 45 21.43 -3.91 1.09
N ARG B 46 21.63 -3.42 2.33
CA ARG B 46 22.93 -3.46 3.04
C ARG B 46 22.76 -3.78 4.55
N ASN B 47 21.73 -4.55 4.90
CA ASN B 47 21.38 -4.89 6.29
C ASN B 47 21.68 -6.33 6.71
N LEU B 48 21.91 -7.22 5.73
CA LEU B 48 22.19 -8.64 5.98
C LEU B 48 23.54 -8.89 6.69
N GLU B 49 24.55 -8.08 6.38
N GLU B 49 24.55 -8.07 6.40
CA GLU B 49 25.96 -8.38 6.59
CA GLU B 49 25.78 -8.00 7.21
C GLU B 49 26.51 -7.68 7.84
C GLU B 49 25.85 -6.70 8.01
N PRO B 50 26.50 -8.43 8.98
N PRO B 50 25.29 -6.69 9.21
CA PRO B 50 26.75 -7.78 10.25
CA PRO B 50 25.27 -5.39 9.90
C PRO B 50 28.13 -7.12 10.28
C PRO B 50 26.63 -4.85 10.32
N SER B 51 28.14 -5.92 10.87
N SER B 51 27.60 -5.74 10.59
CA SER B 51 29.38 -5.22 11.08
CA SER B 51 29.01 -5.38 10.94
C SER B 51 29.99 -4.59 9.83
C SER B 51 29.86 -4.64 9.85
N LYS B 52 29.31 -4.63 8.66
CA LYS B 52 29.74 -3.79 7.52
C LYS B 52 29.50 -2.27 7.79
N TRP B 53 28.58 -1.94 8.71
CA TRP B 53 28.33 -0.56 9.11
C TRP B 53 29.09 -0.21 10.38
N THR B 54 29.68 0.99 10.38
CA THR B 54 30.36 1.57 11.56
C THR B 54 29.70 2.92 11.88
N ALA B 55 29.27 3.08 13.13
CA ALA B 55 28.79 4.37 13.65
C ALA B 55 29.95 5.10 14.32
N ILE B 56 30.18 6.35 13.92
CA ILE B 56 31.10 7.25 14.63
C ILE B 56 30.25 8.26 15.41
N LEU B 57 30.35 8.18 16.74
CA LEU B 57 29.69 9.09 17.66
C LEU B 57 30.69 10.12 18.15
N GLY B 58 30.19 11.28 18.56
CA GLY B 58 31.02 12.43 18.93
C GLY B 58 31.86 13.01 17.81
N LEU B 59 31.44 12.81 16.55
CA LEU B 59 32.16 13.27 15.36
C LEU B 59 31.81 14.73 15.11
N HIS B 60 32.84 15.53 14.82
CA HIS B 60 32.72 16.92 14.39
C HIS B 60 33.19 17.05 12.93
N MET B 61 34.46 16.74 12.69
CA MET B 61 35.14 16.87 11.39
C MET B 61 35.59 15.49 10.92
N LYS B 62 35.20 15.11 9.71
CA LYS B 62 35.65 13.84 9.07
C LYS B 62 37.18 13.71 8.91
N SER B 63 37.87 14.85 8.70
CA SER B 63 39.34 14.89 8.66
C SER B 63 40.06 14.86 10.03
N ASN B 64 39.31 14.79 11.14
CA ASN B 64 39.83 14.57 12.50
C ASN B 64 38.97 13.49 13.17
N LEU B 65 39.25 12.25 12.77
CA LEU B 65 38.59 11.03 13.30
C LEU B 65 39.26 10.62 14.61
N THR B 66 40.60 10.68 14.65
CA THR B 66 41.40 10.33 15.82
C THR B 66 41.56 11.54 16.75
N SER B 67 40.50 11.80 17.51
CA SER B 67 40.48 12.78 18.60
C SER B 67 39.73 12.16 19.80
N PRO B 68 40.03 12.60 21.05
CA PRO B 68 39.53 11.88 22.24
C PRO B 68 37.99 11.83 22.40
N GLN B 69 37.32 12.87 21.92
CA GLN B 69 35.84 12.94 21.94
C GLN B 69 35.08 11.97 21.00
N THR B 70 35.73 11.41 19.99
CA THR B 70 35.05 10.45 19.07
C THR B 70 35.09 9.02 19.60
N VAL B 71 34.02 8.27 19.33
CA VAL B 71 33.88 6.85 19.73
C VAL B 71 33.34 6.08 18.51
N PRO B 72 34.08 5.06 18.01
CA PRO B 72 33.55 4.18 16.96
C PRO B 72 32.79 2.98 17.54
N ARG B 73 31.71 2.57 16.86
CA ARG B 73 30.97 1.36 17.19
C ARG B 73 30.52 0.63 15.93
N LEU B 74 30.83 -0.66 15.85
CA LEU B 74 30.22 -1.54 14.85
C LEU B 74 28.72 -1.72 15.17
N ILE B 75 27.93 -1.82 14.10
CA ILE B 75 26.51 -2.13 14.20
C ILE B 75 26.42 -3.64 14.11
N ASP B 76 25.65 -4.26 15.01
CA ASP B 76 25.39 -5.71 14.97
C ASP B 76 23.92 -6.10 14.75
N GLU B 77 23.02 -5.12 14.59
CA GLU B 77 21.62 -5.39 14.25
C GLU B 77 20.98 -4.17 13.59
N ILE B 78 20.29 -4.40 12.48
CA ILE B 78 19.58 -3.36 11.73
C ILE B 78 18.14 -3.86 11.56
N VAL B 79 17.17 -3.07 12.00
CA VAL B 79 15.73 -3.41 11.90
C VAL B 79 15.04 -2.26 11.16
N ILE B 80 14.70 -2.53 9.90
CA ILE B 80 13.90 -1.61 9.09
C ILE B 80 12.47 -1.63 9.60
N ASN B 81 11.78 -0.50 9.51
CA ASN B 81 10.36 -0.43 9.88
C ASN B 81 9.57 -1.46 9.08
N PRO B 82 8.71 -2.26 9.74
CA PRO B 82 7.93 -3.28 9.02
C PRO B 82 6.96 -2.77 7.94
N HIS B 83 6.58 -1.48 7.98
CA HIS B 83 5.75 -0.85 6.94
C HIS B 83 6.55 -0.05 5.89
N TYR B 84 7.89 -0.18 5.86
CA TYR B 84 8.70 0.52 4.87
C TYR B 84 8.29 0.09 3.47
N ASN B 85 7.92 1.07 2.65
CA ASN B 85 7.62 0.87 1.24
C ASN B 85 8.69 1.67 0.50
N ARG B 86 9.54 0.96 -0.24
CA ARG B 86 10.67 1.56 -0.98
C ARG B 86 10.19 2.52 -2.08
N ARG B 87 9.32 2.02 -2.94
CA ARG B 87 8.83 2.79 -4.10
C ARG B 87 8.17 4.14 -3.70
N ARG B 88 7.26 4.09 -2.74
CA ARG B 88 6.54 5.29 -2.24
C ARG B 88 7.32 6.13 -1.21
N LYS B 89 8.44 5.60 -0.68
CA LYS B 89 9.28 6.27 0.32
C LYS B 89 8.61 6.47 1.70
N ASP B 90 7.56 5.72 1.97
CA ASP B 90 6.74 5.84 3.16
C ASP B 90 7.36 4.99 4.28
N ASN B 91 7.26 5.49 5.52
CA ASN B 91 7.81 4.83 6.72
C ASN B 91 9.33 4.58 6.62
N ASP B 92 10.03 5.64 6.22
CA ASP B 92 11.44 5.56 5.89
C ASP B 92 12.25 5.77 7.16
N ILE B 93 12.26 4.71 7.98
CA ILE B 93 12.89 4.77 9.29
C ILE B 93 13.40 3.38 9.69
N ALA B 94 14.49 3.36 10.45
CA ALA B 94 15.15 2.10 10.83
C ALA B 94 15.88 2.24 12.16
N MET B 95 15.95 1.11 12.88
CA MET B 95 16.71 1.00 14.14
C MET B 95 18.01 0.28 13.87
N MET B 96 19.08 0.75 14.53
CA MET B 96 20.42 0.20 14.38
C MET B 96 21.07 0.05 15.77
N HIS B 97 21.50 -1.17 16.11
CA HIS B 97 22.06 -1.50 17.43
C HIS B 97 23.59 -1.38 17.43
N LEU B 98 24.11 -0.67 18.42
CA LEU B 98 25.54 -0.57 18.66
C LEU B 98 25.98 -1.85 19.37
N GLU B 99 27.07 -2.46 18.88
CA GLU B 99 27.57 -3.73 19.45
C GLU B 99 27.88 -3.65 20.95
N PHE B 100 28.41 -2.50 21.38
CA PHE B 100 28.61 -2.17 22.78
C PHE B 100 27.99 -0.81 23.07
N LYS B 101 27.51 -0.64 24.31
CA LYS B 101 26.94 0.64 24.75
C LYS B 101 27.98 1.76 24.72
N VAL B 102 27.48 3.00 24.59
CA VAL B 102 28.32 4.20 24.71
C VAL B 102 28.03 4.88 26.04
N ASN B 103 29.08 5.47 26.62
CA ASN B 103 28.98 6.32 27.80
C ASN B 103 28.76 7.76 27.31
N TYR B 104 27.84 8.47 27.97
CA TYR B 104 27.49 9.83 27.59
C TYR B 104 28.54 10.86 28.06
N THR B 105 28.81 11.84 27.19
CA THR B 105 29.77 12.94 27.44
C THR B 105 29.12 14.24 26.92
N ASP B 106 29.86 15.36 26.96
CA ASP B 106 29.40 16.59 26.28
C ASP B 106 29.23 16.44 24.76
N TYR B 107 29.93 15.47 24.16
CA TYR B 107 29.89 15.19 22.71
C TYR B 107 28.98 14.02 22.29
N ILE B 108 28.51 13.20 23.25
CA ILE B 108 27.66 12.02 22.98
C ILE B 108 26.51 12.02 24.00
N GLN B 109 25.28 12.24 23.49
CA GLN B 109 24.05 12.31 24.29
C GLN B 109 22.88 11.79 23.48
N PRO B 110 21.89 11.14 24.12
CA PRO B 110 20.70 10.73 23.36
C PRO B 110 19.75 11.93 23.13
N ILE B 111 18.97 11.88 22.05
CA ILE B 111 17.88 12.85 21.80
C ILE B 111 16.55 12.27 22.25
N SER B 112 15.74 13.08 22.92
CA SER B 112 14.39 12.67 23.32
C SER B 112 13.47 12.45 22.12
N LEU B 113 12.66 11.41 22.19
CA LEU B 113 11.61 11.16 21.19
C LEU B 113 10.42 12.07 21.47
N PRO B 114 9.60 12.41 20.44
CA PRO B 114 8.38 13.15 20.73
C PRO B 114 7.34 12.32 21.51
N GLU B 115 6.42 13.01 22.17
CA GLU B 115 5.17 12.36 22.65
C GLU B 115 4.32 11.94 21.43
N GLU B 116 3.51 10.89 21.60
CA GLU B 116 2.80 10.25 20.47
C GLU B 116 1.90 11.19 19.63
N ASN B 117 1.28 12.20 20.24
CA ASN B 117 0.52 13.24 19.50
C ASN B 117 1.18 14.63 19.52
N GLN B 118 2.51 14.70 19.67
CA GLN B 118 3.20 15.99 19.87
C GLN B 118 3.18 16.78 18.57
N VAL B 119 2.88 18.08 18.70
CA VAL B 119 2.69 18.96 17.55
C VAL B 119 3.91 19.88 17.41
N PHE B 120 4.56 19.74 16.26
CA PHE B 120 5.57 20.64 15.78
C PHE B 120 4.88 21.44 14.66
N PRO B 121 4.33 22.64 15.01
CA PRO B 121 3.44 23.31 14.05
C PRO B 121 4.17 23.92 12.84
N PRO B 122 3.48 24.03 11.67
CA PRO B 122 4.00 24.76 10.51
C PRO B 122 4.45 26.19 10.84
N GLY B 123 5.57 26.62 10.25
CA GLY B 123 6.15 27.94 10.51
C GLY B 123 7.23 28.01 11.59
N ARG B 124 7.32 27.01 12.48
CA ARG B 124 8.39 26.94 13.46
C ARG B 124 9.70 26.52 12.82
N ASN B 125 10.79 27.17 13.23
CA ASN B 125 12.14 26.80 12.80
C ASN B 125 12.63 25.63 13.63
N CYS B 126 12.96 24.53 12.94
CA CYS B 126 13.65 23.40 13.51
C CYS B 126 15.02 23.33 12.85
N SER B 127 15.87 22.42 13.34
CA SER B 127 17.25 22.30 12.88
C SER B 127 17.54 20.96 12.22
N ILE B 128 18.43 20.98 11.23
CA ILE B 128 18.95 19.80 10.54
C ILE B 128 20.47 19.81 10.61
N ALA B 129 21.08 18.64 10.49
CA ALA B 129 22.53 18.51 10.47
C ALA B 129 23.03 17.28 9.71
N GLY B 130 24.25 17.39 9.18
CA GLY B 130 24.91 16.29 8.50
C GLY B 130 26.16 16.64 7.73
N TRP B 131 26.79 15.60 7.21
CA TRP B 131 28.02 15.68 6.44
C TRP B 131 27.78 15.44 4.94
N GLY B 132 26.52 15.55 4.52
CA GLY B 132 26.15 15.36 3.11
C GLY B 132 26.64 16.47 2.20
N THR B 133 26.22 16.39 0.94
CA THR B 133 26.66 17.34 -0.08
C THR B 133 26.21 18.77 0.27
N VAL B 134 27.08 19.73 -0.02
CA VAL B 134 26.87 21.17 0.31
C VAL B 134 26.16 21.95 -0.80
N VAL B 135 26.15 21.40 -2.02
CA VAL B 135 25.26 21.84 -3.11
C VAL B 135 24.76 20.56 -3.82
N TYR B 136 23.64 20.67 -4.53
CA TYR B 136 23.12 19.56 -5.32
C TYR B 136 24.15 19.04 -6.32
N GLN B 137 24.43 17.73 -6.23
CA GLN B 137 25.47 17.04 -7.02
C GLN B 137 26.91 17.58 -6.83
N GLY B 138 27.18 18.23 -5.69
CA GLY B 138 28.50 18.75 -5.36
C GLY B 138 29.18 17.79 -4.40
N THR B 139 30.16 18.33 -3.66
CA THR B 139 31.01 17.54 -2.76
C THR B 139 30.47 17.49 -1.33
N THR B 140 30.92 16.48 -0.58
CA THR B 140 30.52 16.28 0.82
C THR B 140 31.22 17.27 1.76
N ALA B 141 30.56 17.56 2.89
CA ALA B 141 31.14 18.42 3.94
C ALA B 141 32.21 17.66 4.73
N ASP B 142 33.22 18.39 5.18
CA ASP B 142 34.22 17.86 6.10
C ASP B 142 33.71 18.08 7.53
N ILE B 143 33.50 19.35 7.88
CA ILE B 143 32.98 19.75 9.20
C ILE B 143 31.47 19.57 9.15
N LEU B 144 30.91 19.04 10.23
CA LEU B 144 29.45 18.88 10.38
C LEU B 144 28.72 20.20 10.10
N GLN B 145 27.78 20.15 9.18
CA GLN B 145 26.97 21.30 8.80
C GLN B 145 25.66 21.29 9.53
N GLU B 146 25.20 22.48 9.92
CA GLU B 146 23.89 22.70 10.53
C GLU B 146 23.10 23.75 9.77
N ALA B 147 21.79 23.65 9.81
CA ALA B 147 20.90 24.70 9.30
C ALA B 147 19.57 24.69 10.02
N ASP B 148 18.89 25.84 9.98
CA ASP B 148 17.52 25.99 10.45
C ASP B 148 16.58 26.07 9.24
N VAL B 149 15.49 25.30 9.30
CA VAL B 149 14.49 25.21 8.23
C VAL B 149 13.09 25.28 8.88
N PRO B 150 12.15 26.02 8.25
CA PRO B 150 10.81 26.10 8.84
C PRO B 150 9.96 24.92 8.40
N LEU B 151 9.11 24.45 9.31
CA LEU B 151 8.22 23.34 9.05
C LEU B 151 7.08 23.78 8.13
N LEU B 152 6.63 22.86 7.28
CA LEU B 152 5.44 23.06 6.44
C LEU B 152 4.29 22.23 6.99
N SER B 153 3.07 22.61 6.60
CA SER B 153 1.92 21.71 6.70
C SER B 153 2.07 20.61 5.65
N ASN B 154 1.52 19.43 5.93
CA ASN B 154 1.49 18.33 4.96
C ASN B 154 0.70 18.67 3.69
N GLU B 155 -0.35 19.47 3.83
CA GLU B 155 -1.14 19.98 2.68
C GLU B 155 -0.27 20.82 1.72
N ARG B 156 0.47 21.78 2.26
CA ARG B 156 1.38 22.62 1.48
C ARG B 156 2.52 21.79 0.86
N CYS B 157 3.08 20.86 1.64
CA CYS B 157 4.11 19.96 1.14
C CYS B 157 3.62 19.09 -0.01
N GLN B 158 2.39 18.56 0.10
CA GLN B 158 1.78 17.76 -0.96
C GLN B 158 1.59 18.56 -2.24
N GLN B 159 1.10 19.79 -2.11
CA GLN B 159 0.99 20.76 -3.23
C GLN B 159 2.32 21.01 -3.94
N GLN B 160 3.39 21.15 -3.16
CA GLN B 160 4.77 21.32 -3.67
C GLN B 160 5.43 20.04 -4.19
N MET B 161 4.88 18.87 -3.85
CA MET B 161 5.39 17.56 -4.24
C MET B 161 4.28 16.70 -4.84
N PRO B 162 3.61 17.20 -5.91
CA PRO B 162 2.50 16.44 -6.49
C PRO B 162 2.87 15.09 -7.13
N GLU B 163 4.15 14.90 -7.45
CA GLU B 163 4.69 13.64 -8.00
C GLU B 163 4.91 12.56 -6.94
N TYR B 164 4.77 12.93 -5.65
CA TYR B 164 5.03 12.07 -4.52
C TYR B 164 3.77 11.89 -3.67
N ASN B 165 3.75 10.82 -2.87
CA ASN B 165 2.69 10.58 -1.89
C ASN B 165 3.19 11.06 -0.56
N ILE B 166 2.79 12.28 -0.19
CA ILE B 166 3.12 12.88 1.10
C ILE B 166 2.08 12.37 2.09
N THR B 167 2.52 11.51 3.01
CA THR B 167 1.66 10.83 3.96
C THR B 167 1.76 11.48 5.33
N GLU B 168 0.83 11.10 6.18
CA GLU B 168 0.86 11.37 7.64
C GLU B 168 2.15 10.88 8.37
N ASN B 169 2.88 9.95 7.75
CA ASN B 169 4.16 9.47 8.25
C ASN B 169 5.36 10.32 7.83
N MET B 170 5.10 11.47 7.22
CA MET B 170 6.10 12.41 6.79
C MET B 170 5.82 13.78 7.38
N ILE B 171 6.90 14.55 7.54
CA ILE B 171 6.85 15.95 7.92
C ILE B 171 7.85 16.67 7.02
N CYS B 172 7.47 17.86 6.53
CA CYS B 172 8.25 18.60 5.54
C CYS B 172 8.79 19.89 6.10
N ALA B 173 9.98 20.27 5.63
CA ALA B 173 10.60 21.54 6.00
C ALA B 173 11.45 22.11 4.87
N GLY B 174 11.40 23.43 4.71
CA GLY B 174 12.06 24.11 3.62
C GLY B 174 11.57 25.53 3.47
N TYR B 175 12.35 26.33 2.76
CA TYR B 175 12.02 27.73 2.47
C TYR B 175 11.31 27.83 1.13
N GLU B 176 10.39 28.79 1.03
CA GLU B 176 9.75 29.15 -0.24
C GLU B 176 10.80 29.44 -1.34
N GLU B 177 11.83 30.21 -0.96
CA GLU B 177 12.94 30.59 -1.83
C GLU B 177 14.06 29.53 -2.05
N GLY B 178 13.99 28.37 -1.40
CA GLY B 178 15.08 27.39 -1.43
C GLY B 178 16.32 27.89 -0.71
N GLY B 179 17.48 27.39 -1.12
CA GLY B 179 18.78 27.85 -0.61
C GLY B 179 19.33 27.09 0.58
N ILE B 180 18.45 26.66 1.49
CA ILE B 180 18.82 25.99 2.74
C ILE B 180 18.02 24.69 2.80
N ASP B 181 18.72 23.55 2.88
CA ASP B 181 18.09 22.23 2.77
C ASP B 181 19.05 21.10 3.14
N SER B 182 18.47 19.93 3.42
CA SER B 182 19.23 18.68 3.46
C SER B 182 19.54 18.22 2.02
N CYS B 183 20.50 17.33 1.91
CA CYS B 183 20.92 16.79 0.61
C CYS B 183 21.55 15.41 0.75
N GLN B 184 21.95 14.82 -0.38
CA GLN B 184 22.54 13.46 -0.43
C GLN B 184 23.68 13.33 0.59
N GLY B 185 23.69 12.26 1.38
CA GLY B 185 24.62 12.11 2.51
C GLY B 185 24.07 12.54 3.89
N ASP B 186 23.07 13.41 3.91
CA ASP B 186 22.40 13.82 5.18
C ASP B 186 21.26 12.92 5.61
N SER B 187 20.76 12.04 4.73
CA SER B 187 19.61 11.19 5.07
C SER B 187 19.94 10.23 6.20
N GLY B 188 18.91 9.92 6.99
CA GLY B 188 19.06 9.20 8.25
C GLY B 188 19.32 10.09 9.46
N GLY B 189 19.87 11.28 9.25
CA GLY B 189 20.11 12.24 10.31
C GLY B 189 18.84 12.89 10.83
N PRO B 190 18.97 13.73 11.87
CA PRO B 190 17.83 14.32 12.56
C PRO B 190 17.28 15.61 11.92
N LEU B 191 15.98 15.77 12.10
CA LEU B 191 15.30 17.06 12.12
C LEU B 191 14.92 17.22 13.59
N MET B 192 15.52 18.18 14.28
CA MET B 192 15.31 18.41 15.72
C MET B 192 14.60 19.73 15.96
N CYS B 193 13.55 19.68 16.79
CA CYS B 193 12.78 20.87 17.18
C CYS B 193 12.87 21.05 18.69
N GLN B 194 13.06 22.30 19.11
CA GLN B 194 13.15 22.67 20.52
C GLN B 194 11.78 23.13 21.03
N GLU B 195 11.39 22.63 22.20
CA GLU B 195 10.27 23.16 22.97
C GLU B 195 10.59 23.04 24.45
N ASN B 196 10.34 24.10 25.22
CA ASN B 196 10.66 24.19 26.67
C ASN B 196 12.13 23.89 27.02
N ASN B 197 13.05 24.41 26.19
CA ASN B 197 14.50 24.18 26.31
C ASN B 197 14.95 22.68 26.24
N ARG B 198 14.17 21.86 25.53
CA ARG B 198 14.48 20.44 25.28
C ARG B 198 14.36 20.17 23.79
N TRP B 199 15.38 19.52 23.23
CA TRP B 199 15.37 19.13 21.81
C TRP B 199 14.67 17.79 21.65
N PHE B 200 13.82 17.69 20.62
CA PHE B 200 13.07 16.49 20.27
C PHE B 200 13.39 16.06 18.85
N LEU B 201 13.49 14.75 18.62
CA LEU B 201 13.70 14.20 17.29
C LEU B 201 12.35 14.19 16.56
N ALA B 202 12.04 15.28 15.85
CA ALA B 202 10.79 15.43 15.13
C ALA B 202 10.76 14.66 13.80
N GLY B 203 11.92 14.55 13.16
CA GLY B 203 12.05 13.88 11.87
C GLY B 203 13.34 13.15 11.64
N VAL B 204 13.32 12.28 10.63
CA VAL B 204 14.50 11.59 10.11
C VAL B 204 14.58 12.02 8.66
N THR B 205 15.69 12.65 8.29
CA THR B 205 16.00 13.07 6.92
C THR B 205 15.83 11.94 5.89
N SER B 206 14.92 12.15 4.92
CA SER B 206 14.41 11.08 4.06
C SER B 206 14.61 11.35 2.56
N PHE B 207 13.94 12.35 2.01
CA PHE B 207 14.02 12.61 0.56
C PHE B 207 13.54 14.00 0.19
N GLY B 208 13.76 14.34 -1.07
CA GLY B 208 13.17 15.52 -1.69
C GLY B 208 13.44 15.53 -3.19
N TYR B 209 12.92 16.54 -3.91
CA TYR B 209 13.24 16.73 -5.31
C TYR B 209 14.52 17.54 -5.38
N GLU B 210 15.60 16.90 -5.85
CA GLU B 210 16.95 17.46 -5.83
C GLU B 210 17.24 18.00 -4.41
N CYS B 211 17.94 19.14 -4.28
CA CYS B 211 18.13 19.79 -2.98
C CYS B 211 18.06 21.30 -3.15
N ALA B 212 17.55 21.98 -2.13
CA ALA B 212 17.61 23.43 -2.00
C ALA B 212 16.89 24.25 -3.09
N LEU B 213 15.95 23.63 -3.81
CA LEU B 213 15.20 24.33 -4.87
C LEU B 213 14.05 25.14 -4.22
N PRO B 214 13.62 26.26 -4.87
CA PRO B 214 12.44 26.98 -4.38
C PRO B 214 11.19 26.10 -4.36
N ASN B 215 10.43 26.17 -3.27
CA ASN B 215 9.17 25.39 -3.11
C ASN B 215 9.32 23.88 -3.39
N ARG B 216 10.45 23.34 -2.93
CA ARG B 216 10.76 21.92 -3.01
C ARG B 216 11.40 21.57 -1.65
N PRO B 217 10.56 21.28 -0.65
CA PRO B 217 11.06 21.14 0.70
C PRO B 217 11.72 19.78 0.93
N GLY B 218 12.47 19.67 2.02
CA GLY B 218 12.88 18.36 2.53
C GLY B 218 11.72 17.65 3.14
N VAL B 219 11.62 16.35 2.86
CA VAL B 219 10.64 15.47 3.44
C VAL B 219 11.38 14.60 4.44
N TYR B 220 10.78 14.46 5.62
CA TYR B 220 11.40 13.79 6.77
C TYR B 220 10.39 12.78 7.28
N ALA B 221 10.86 11.60 7.71
CA ALA B 221 9.95 10.64 8.35
C ALA B 221 9.50 11.25 9.69
N ARG B 222 8.20 11.28 9.93
CA ARG B 222 7.61 11.93 11.12
C ARG B 222 7.70 10.99 12.32
N VAL B 223 8.64 11.30 13.23
CA VAL B 223 9.06 10.36 14.29
C VAL B 223 7.97 10.12 15.33
N SER B 224 7.12 11.11 15.63
CA SER B 224 5.94 10.91 16.52
C SER B 224 5.07 9.69 16.15
N ARG B 225 4.97 9.40 14.84
CA ARG B 225 4.25 8.22 14.34
C ARG B 225 4.94 6.89 14.64
N PHE B 226 6.23 6.92 14.95
CA PHE B 226 7.06 5.73 15.25
C PHE B 226 7.63 5.65 16.67
N THR B 227 7.25 6.59 17.54
CA THR B 227 7.71 6.65 18.95
C THR B 227 7.52 5.31 19.68
N GLU B 228 6.31 4.77 19.60
CA GLU B 228 5.97 3.50 20.22
C GLU B 228 6.81 2.34 19.68
N TRP B 229 6.93 2.27 18.35
CA TRP B 229 7.79 1.29 17.70
C TRP B 229 9.27 1.41 18.13
N ILE B 230 9.80 2.64 18.15
CA ILE B 230 11.19 2.91 18.56
C ILE B 230 11.41 2.48 20.02
N GLN B 231 10.49 2.92 20.89
CA GLN B 231 10.56 2.61 22.33
C GLN B 231 10.54 1.13 22.71
N SER B 232 9.90 0.29 21.88
CA SER B 232 9.93 -1.18 22.06
C SER B 232 11.32 -1.83 21.99
N PHE B 233 12.29 -1.18 21.36
CA PHE B 233 13.71 -1.64 21.34
C PHE B 233 14.56 -1.23 22.57
N LEU B 234 14.07 -0.25 23.33
CA LEU B 234 14.84 0.43 24.41
C LEU B 234 14.71 -0.22 25.80
N HIS B 235 13.64 -1.00 25.99
CA HIS B 235 13.42 -1.85 27.19
C HIS B 235 13.37 -3.35 26.83
N ILE C 1 -7.04 22.24 -30.38
CA ILE C 1 -5.69 22.80 -30.02
C ILE C 1 -5.63 24.23 -30.59
N VAL C 2 -5.52 25.22 -29.70
CA VAL C 2 -5.39 26.64 -30.09
C VAL C 2 -3.91 26.93 -30.28
N GLY C 3 -3.58 27.64 -31.35
CA GLY C 3 -2.21 28.09 -31.64
C GLY C 3 -1.19 27.02 -31.97
N GLY C 4 -1.66 25.85 -32.40
CA GLY C 4 -0.81 24.75 -32.81
C GLY C 4 -0.51 24.75 -34.29
N SER C 5 -0.04 23.61 -34.78
CA SER C 5 0.18 23.39 -36.20
C SER C 5 -0.18 21.95 -36.59
N ASP C 6 -0.21 21.70 -37.89
CA ASP C 6 -0.51 20.39 -38.45
C ASP C 6 0.59 19.40 -38.07
N ALA C 7 0.22 18.33 -37.38
CA ALA C 7 1.12 17.22 -37.13
C ALA C 7 1.36 16.43 -38.42
N LYS C 8 2.59 15.95 -38.59
CA LYS C 8 2.92 15.03 -39.69
C LYS C 8 2.24 13.67 -39.47
N GLU C 9 2.07 12.92 -40.55
CA GLU C 9 1.64 11.51 -40.48
C GLU C 9 2.66 10.72 -39.64
N GLY C 10 2.18 9.97 -38.67
CA GLY C 10 3.02 9.19 -37.76
C GLY C 10 3.79 9.95 -36.68
N ALA C 11 3.45 11.22 -36.45
CA ALA C 11 4.14 12.05 -35.43
C ALA C 11 3.85 11.58 -34.00
N TRP C 12 2.58 11.25 -33.74
CA TRP C 12 2.08 10.85 -32.42
C TRP C 12 1.28 9.55 -32.58
N PRO C 13 1.95 8.41 -32.87
CA PRO C 13 1.26 7.15 -33.18
C PRO C 13 0.39 6.53 -32.06
N TRP C 14 0.56 7.02 -30.83
CA TRP C 14 -0.34 6.73 -29.67
C TRP C 14 -1.65 7.51 -29.64
N VAL C 15 -1.77 8.60 -30.39
CA VAL C 15 -2.98 9.46 -30.37
C VAL C 15 -4.10 8.73 -31.08
N VAL C 16 -5.24 8.61 -30.39
CA VAL C 16 -6.42 7.90 -30.88
C VAL C 16 -7.60 8.87 -30.83
N GLY C 17 -8.42 8.86 -31.88
CA GLY C 17 -9.65 9.65 -31.95
C GLY C 17 -10.83 8.82 -31.50
N LEU C 18 -11.61 9.33 -30.54
CA LEU C 18 -12.80 8.63 -30.03
C LEU C 18 -14.06 9.23 -30.63
N TYR C 19 -14.83 8.38 -31.30
CA TYR C 19 -16.08 8.75 -31.96
C TYR C 19 -17.25 8.18 -31.17
N TYR C 20 -18.24 9.03 -30.91
CA TYR C 20 -19.52 8.67 -30.32
C TYR C 20 -20.58 9.31 -31.20
N ASP C 21 -21.57 8.53 -31.64
CA ASP C 21 -22.60 8.96 -32.59
C ASP C 21 -21.97 9.55 -33.89
N ASP C 22 -20.90 8.92 -34.38
CA ASP C 22 -20.09 9.36 -35.53
C ASP C 22 -19.54 10.81 -35.48
N ARG C 23 -19.28 11.28 -34.27
CA ARG C 23 -18.70 12.62 -34.00
C ARG C 23 -17.47 12.41 -33.14
N LEU C 24 -16.34 12.99 -33.51
CA LEU C 24 -15.12 12.89 -32.73
C LEU C 24 -15.21 13.85 -31.54
N LEU C 25 -15.42 13.30 -30.35
CA LEU C 25 -15.66 14.08 -29.12
C LEU C 25 -14.46 14.23 -28.20
N CYS C 26 -13.56 13.24 -28.21
CA CYS C 26 -12.42 13.20 -27.30
C CYS C 26 -11.23 12.49 -27.95
N GLY C 27 -10.05 12.79 -27.42
CA GLY C 27 -8.84 12.04 -27.72
C GLY C 27 -8.65 10.87 -26.75
N ALA C 28 -7.63 10.09 -27.03
CA ALA C 28 -7.18 9.00 -26.15
C ALA C 28 -5.75 8.61 -26.50
N SER C 29 -5.12 7.85 -25.61
CA SER C 29 -3.73 7.39 -25.78
C SER C 29 -3.65 5.87 -25.72
N LEU C 30 -3.08 5.26 -26.76
CA LEU C 30 -2.85 3.83 -26.80
C LEU C 30 -1.73 3.50 -25.81
N VAL C 31 -2.01 2.61 -24.85
CA VAL C 31 -1.00 2.16 -23.84
C VAL C 31 -0.64 0.67 -23.91
N SER C 32 -1.40 -0.13 -24.67
CA SER C 32 -1.07 -1.53 -24.97
C SER C 32 -1.73 -1.92 -26.30
N SER C 33 -1.64 -3.18 -26.68
CA SER C 33 -2.33 -3.66 -27.90
C SER C 33 -3.86 -3.59 -27.84
N ASP C 34 -4.47 -3.52 -26.64
CA ASP C 34 -5.94 -3.44 -26.50
C ASP C 34 -6.51 -2.45 -25.48
N TRP C 35 -5.69 -1.56 -24.89
CA TRP C 35 -6.19 -0.57 -23.90
C TRP C 35 -5.83 0.87 -24.24
N LEU C 36 -6.81 1.76 -24.05
CA LEU C 36 -6.63 3.20 -24.18
C LEU C 36 -6.76 3.86 -22.81
N VAL C 37 -6.04 4.98 -22.63
CA VAL C 37 -6.22 5.91 -21.51
C VAL C 37 -6.90 7.16 -22.07
N SER C 38 -8.00 7.55 -21.42
CA SER C 38 -8.73 8.78 -21.78
C SER C 38 -9.21 9.46 -20.51
N ALA C 39 -10.08 10.46 -20.67
CA ALA C 39 -10.60 11.21 -19.52
C ALA C 39 -11.95 10.63 -19.12
N ALA C 40 -12.18 10.50 -17.83
CA ALA C 40 -13.44 10.05 -17.25
C ALA C 40 -14.64 10.88 -17.71
N HIS C 41 -14.50 12.20 -17.74
CA HIS C 41 -15.63 13.08 -18.13
C HIS C 41 -16.07 12.87 -19.61
N CYS C 42 -15.16 12.45 -20.50
CA CYS C 42 -15.51 12.08 -21.88
C CYS C 42 -16.56 10.98 -21.93
N VAL C 43 -16.40 9.98 -21.07
CA VAL C 43 -17.21 8.76 -21.06
C VAL C 43 -18.31 8.73 -19.99
N TYR C 44 -18.25 9.60 -18.98
CA TYR C 44 -19.27 9.69 -17.93
C TYR C 44 -20.62 10.04 -18.55
N GLY C 45 -21.67 9.31 -18.16
CA GLY C 45 -22.98 9.35 -18.81
C GLY C 45 -23.12 8.68 -20.17
N ARG C 46 -22.05 8.07 -20.69
CA ARG C 46 -22.00 7.40 -22.01
C ARG C 46 -21.16 6.10 -21.97
N ASN C 47 -21.12 5.42 -20.81
CA ASN C 47 -20.31 4.21 -20.59
C ASN C 47 -21.11 2.90 -20.49
N LEU C 48 -22.44 2.99 -20.31
CA LEU C 48 -23.30 1.81 -20.15
C LEU C 48 -23.43 0.96 -21.42
N GLU C 49 -23.42 1.61 -22.59
CA GLU C 49 -23.30 0.96 -23.91
C GLU C 49 -21.93 1.28 -24.51
N PRO C 50 -20.87 0.51 -24.17
CA PRO C 50 -19.52 0.86 -24.68
C PRO C 50 -19.35 0.74 -26.20
N SER C 51 -20.10 -0.13 -26.89
CA SER C 51 -20.07 -0.26 -28.36
C SER C 51 -20.61 0.96 -29.14
N LYS C 52 -21.25 1.92 -28.45
CA LYS C 52 -21.52 3.25 -29.02
C LYS C 52 -20.24 4.08 -29.29
N TRP C 53 -19.12 3.74 -28.64
CA TRP C 53 -17.82 4.36 -28.91
C TRP C 53 -17.01 3.57 -29.93
N THR C 54 -16.38 4.32 -30.86
CA THR C 54 -15.44 3.79 -31.85
C THR C 54 -14.11 4.54 -31.70
N ALA C 55 -13.03 3.78 -31.57
CA ALA C 55 -11.66 4.31 -31.58
C ALA C 55 -11.12 4.20 -33.01
N ILE C 56 -10.62 5.31 -33.55
CA ILE C 56 -9.86 5.28 -34.81
C ILE C 56 -8.39 5.48 -34.44
N LEU C 57 -7.60 4.45 -34.70
CA LEU C 57 -6.15 4.47 -34.50
C LEU C 57 -5.46 4.72 -35.83
N GLY C 58 -4.26 5.29 -35.77
CA GLY C 58 -3.53 5.72 -36.97
C GLY C 58 -4.20 6.84 -37.77
N LEU C 59 -5.02 7.65 -37.10
CA LEU C 59 -5.75 8.75 -37.75
C LEU C 59 -4.83 9.97 -37.84
N HIS C 60 -4.84 10.60 -39.02
CA HIS C 60 -4.16 11.88 -39.29
C HIS C 60 -5.22 12.97 -39.56
N MET C 61 -6.02 12.76 -40.61
CA MET C 61 -7.04 13.70 -41.04
C MET C 61 -8.44 13.05 -40.91
N LYS C 62 -9.35 13.75 -40.23
CA LYS C 62 -10.76 13.33 -40.13
C LYS C 62 -11.49 13.16 -41.47
N SER C 63 -11.12 13.98 -42.47
CA SER C 63 -11.66 13.86 -43.84
C SER C 63 -11.07 12.71 -44.70
N ASN C 64 -10.11 11.95 -44.16
CA ASN C 64 -9.55 10.76 -44.79
C ASN C 64 -9.48 9.63 -43.74
N LEU C 65 -10.65 9.03 -43.52
CA LEU C 65 -10.81 7.85 -42.65
C LEU C 65 -10.42 6.57 -43.38
N THR C 66 -10.82 6.46 -44.65
CA THR C 66 -10.49 5.31 -45.52
C THR C 66 -9.12 5.48 -46.18
N SER C 67 -8.09 5.21 -45.40
CA SER C 67 -6.68 5.12 -45.87
C SER C 67 -6.03 3.91 -45.17
N PRO C 68 -4.99 3.30 -45.80
CA PRO C 68 -4.46 2.02 -45.29
C PRO C 68 -3.84 2.06 -43.87
N GLN C 69 -3.28 3.21 -43.50
CA GLN C 69 -2.74 3.40 -42.14
C GLN C 69 -3.74 3.45 -40.96
N THR C 70 -5.03 3.71 -41.23
CA THR C 70 -6.05 3.78 -40.15
C THR C 70 -6.61 2.39 -39.81
N VAL C 71 -6.93 2.18 -38.53
CA VAL C 71 -7.57 0.96 -38.02
C VAL C 71 -8.74 1.38 -37.10
N PRO C 72 -10.01 0.97 -37.42
CA PRO C 72 -11.12 1.23 -36.50
C PRO C 72 -11.31 0.08 -35.49
N ARG C 73 -11.70 0.42 -34.26
CA ARG C 73 -12.05 -0.56 -33.24
C ARG C 73 -13.22 -0.07 -32.39
N LEU C 74 -14.28 -0.90 -32.28
CA LEU C 74 -15.32 -0.67 -31.26
C LEU C 74 -14.72 -0.88 -29.85
N ILE C 75 -15.22 -0.09 -28.91
CA ILE C 75 -14.90 -0.22 -27.50
C ILE C 75 -15.94 -1.18 -26.93
N ASP C 76 -15.48 -2.18 -26.16
CA ASP C 76 -16.39 -3.11 -25.45
C ASP C 76 -16.32 -3.05 -23.92
N GLU C 77 -15.47 -2.18 -23.36
CA GLU C 77 -15.40 -1.97 -21.90
C GLU C 77 -14.80 -0.61 -21.58
N ILE C 78 -15.47 0.11 -20.67
CA ILE C 78 -15.04 1.41 -20.20
C ILE C 78 -14.98 1.31 -18.67
N VAL C 79 -13.82 1.64 -18.09
CA VAL C 79 -13.62 1.63 -16.63
C VAL C 79 -13.13 3.02 -16.22
N ILE C 80 -14.05 3.77 -15.61
CA ILE C 80 -13.73 5.09 -15.04
C ILE C 80 -12.93 4.84 -13.77
N ASN C 81 -12.01 5.75 -13.46
CA ASN C 81 -11.25 5.68 -12.21
C ASN C 81 -12.22 5.64 -11.03
N PRO C 82 -12.03 4.69 -10.08
CA PRO C 82 -12.97 4.61 -8.95
C PRO C 82 -13.05 5.83 -8.02
N HIS C 83 -12.03 6.69 -8.05
CA HIS C 83 -12.04 7.98 -7.30
C HIS C 83 -12.45 9.20 -8.12
N TYR C 84 -13.00 9.00 -9.34
CA TYR C 84 -13.46 10.11 -10.16
C TYR C 84 -14.58 10.86 -9.42
N ASN C 85 -14.37 12.15 -9.23
CA ASN C 85 -15.37 13.05 -8.67
C ASN C 85 -15.68 14.04 -9.79
N ARG C 86 -16.92 14.02 -10.28
CA ARG C 86 -17.38 14.86 -11.40
C ARG C 86 -17.34 16.34 -11.05
N ARG C 87 -17.97 16.70 -9.93
CA ARG C 87 -18.09 18.11 -9.51
C ARG C 87 -16.71 18.80 -9.35
N ARG C 88 -15.80 18.16 -8.63
CA ARG C 88 -14.44 18.68 -8.38
C ARG C 88 -13.43 18.46 -9.53
N LYS C 89 -13.78 17.61 -10.52
CA LYS C 89 -12.93 17.28 -11.68
C LYS C 89 -11.66 16.47 -11.35
N ASP C 90 -11.64 15.85 -10.17
CA ASP C 90 -10.48 15.17 -9.65
C ASP C 90 -10.48 13.72 -10.14
N ASN C 91 -9.28 13.19 -10.41
CA ASN C 91 -9.07 11.82 -10.92
C ASN C 91 -9.80 11.57 -12.25
N ASP C 92 -9.61 12.52 -13.16
CA ASP C 92 -10.33 12.56 -14.42
C ASP C 92 -9.61 11.69 -15.44
N ILE C 93 -9.75 10.38 -15.27
CA ILE C 93 -9.05 9.40 -16.08
C ILE C 93 -9.86 8.13 -16.20
N ALA C 94 -9.74 7.45 -17.34
CA ALA C 94 -10.52 6.25 -17.61
C ALA C 94 -9.78 5.31 -18.56
N MET C 95 -10.06 4.01 -18.39
CA MET C 95 -9.56 2.96 -19.26
C MET C 95 -10.65 2.54 -20.23
N MET C 96 -10.26 2.26 -21.47
CA MET C 96 -11.19 1.86 -22.53
C MET C 96 -10.58 0.69 -23.32
N HIS C 97 -11.32 -0.44 -23.38
CA HIS C 97 -10.84 -1.67 -24.03
C HIS C 97 -11.28 -1.75 -25.49
N LEU C 98 -10.31 -2.04 -26.36
CA LEU C 98 -10.56 -2.31 -27.77
C LEU C 98 -11.09 -3.74 -27.89
N GLU C 99 -12.17 -3.91 -28.63
CA GLU C 99 -12.80 -5.23 -28.81
C GLU C 99 -11.85 -6.30 -29.36
N PHE C 100 -10.96 -5.90 -30.26
CA PHE C 100 -9.86 -6.76 -30.75
C PHE C 100 -8.55 -5.95 -30.62
N LYS C 101 -7.45 -6.64 -30.39
CA LYS C 101 -6.12 -6.04 -30.35
C LYS C 101 -5.72 -5.42 -31.69
N VAL C 102 -4.83 -4.44 -31.63
CA VAL C 102 -4.23 -3.82 -32.82
C VAL C 102 -2.79 -4.30 -32.98
N ASN C 103 -2.34 -4.43 -34.23
CA ASN C 103 -0.94 -4.65 -34.56
C ASN C 103 -0.27 -3.28 -34.71
N TYR C 104 0.94 -3.17 -34.18
CA TYR C 104 1.69 -1.91 -34.22
C TYR C 104 2.35 -1.66 -35.58
N THR C 105 2.31 -0.40 -36.01
CA THR C 105 2.89 0.07 -37.28
C THR C 105 3.66 1.38 -36.99
N ASP C 106 4.18 2.03 -38.02
CA ASP C 106 4.70 3.42 -37.91
C ASP C 106 3.64 4.46 -37.44
N TYR C 107 2.36 4.16 -37.69
CA TYR C 107 1.23 5.02 -37.35
C TYR C 107 0.46 4.62 -36.08
N ILE C 108 0.72 3.42 -35.54
CA ILE C 108 0.03 2.89 -34.34
C ILE C 108 1.09 2.29 -33.40
N GLN C 109 1.30 2.92 -32.24
CA GLN C 109 2.29 2.51 -31.24
C GLN C 109 1.79 2.88 -29.84
N PRO C 110 2.12 2.08 -28.81
CA PRO C 110 1.75 2.49 -27.46
C PRO C 110 2.70 3.56 -26.89
N ILE C 111 2.21 4.40 -25.99
CA ILE C 111 3.04 5.37 -25.25
C ILE C 111 3.41 4.78 -23.88
N SER C 112 4.67 4.94 -23.49
CA SER C 112 5.12 4.51 -22.17
C SER C 112 4.47 5.33 -21.05
N LEU C 113 4.12 4.64 -19.96
CA LEU C 113 3.64 5.29 -18.74
C LEU C 113 4.82 5.83 -17.97
N PRO C 114 4.62 6.89 -17.15
CA PRO C 114 5.72 7.34 -16.28
C PRO C 114 6.05 6.31 -15.18
N GLU C 115 7.26 6.42 -14.63
CA GLU C 115 7.58 5.75 -13.34
C GLU C 115 6.78 6.44 -12.22
N GLU C 116 6.46 5.68 -11.17
CA GLU C 116 5.51 6.13 -10.13
C GLU C 116 5.85 7.48 -9.44
N ASN C 117 7.13 7.80 -9.27
CA ASN C 117 7.54 9.15 -8.76
C ASN C 117 8.26 10.00 -9.82
N GLN C 118 7.97 9.80 -11.11
CA GLN C 118 8.75 10.45 -12.20
C GLN C 118 8.38 11.92 -12.23
N VAL C 119 9.41 12.76 -12.35
CA VAL C 119 9.25 14.22 -12.26
C VAL C 119 9.38 14.83 -13.64
N PHE C 120 8.29 15.48 -14.05
CA PHE C 120 8.25 16.34 -15.20
C PHE C 120 8.22 17.77 -14.60
N PRO C 121 9.41 18.41 -14.45
CA PRO C 121 9.48 19.64 -13.66
C PRO C 121 8.83 20.86 -14.33
N PRO C 122 8.34 21.84 -13.54
CA PRO C 122 7.85 23.13 -14.07
C PRO C 122 8.87 23.83 -14.98
N GLY C 123 8.39 24.42 -16.08
CA GLY C 123 9.24 25.09 -17.07
C GLY C 123 9.71 24.25 -18.26
N ARG C 124 9.62 22.92 -18.17
CA ARG C 124 9.88 22.03 -19.32
C ARG C 124 8.72 22.09 -20.31
N ASN C 125 9.08 22.12 -21.60
CA ASN C 125 8.10 22.04 -22.69
C ASN C 125 7.73 20.57 -22.91
N CYS C 126 6.44 20.29 -22.78
CA CYS C 126 5.85 19.02 -23.19
C CYS C 126 4.92 19.32 -24.36
N SER C 127 4.38 18.26 -24.97
CA SER C 127 3.55 18.37 -26.15
C SER C 127 2.11 17.90 -25.93
N ILE C 128 1.19 18.55 -26.62
CA ILE C 128 -0.25 18.17 -26.66
C ILE C 128 -0.68 18.00 -28.10
N ALA C 129 -1.73 17.20 -28.29
CA ALA C 129 -2.29 16.98 -29.62
C ALA C 129 -3.77 16.61 -29.60
N GLY C 130 -4.46 16.95 -30.69
CA GLY C 130 -5.87 16.60 -30.88
C GLY C 130 -6.56 17.28 -32.03
N TRP C 131 -7.81 16.88 -32.22
CA TRP C 131 -8.68 17.38 -33.29
C TRP C 131 -9.74 18.36 -32.77
N GLY C 132 -9.55 18.86 -31.54
CA GLY C 132 -10.47 19.79 -30.94
C GLY C 132 -10.48 21.17 -31.60
N THR C 133 -11.22 22.09 -30.97
CA THR C 133 -11.42 23.42 -31.55
C THR C 133 -10.09 24.19 -31.61
N VAL C 134 -9.91 24.97 -32.68
CA VAL C 134 -8.67 25.72 -32.95
C VAL C 134 -8.68 27.14 -32.38
N VAL C 135 -9.86 27.65 -32.02
CA VAL C 135 -10.04 28.85 -31.17
C VAL C 135 -11.19 28.58 -30.21
N TYR C 136 -11.24 29.28 -29.08
CA TYR C 136 -12.33 29.10 -28.10
C TYR C 136 -13.70 29.36 -28.76
N GLN C 137 -14.58 28.36 -28.67
CA GLN C 137 -15.90 28.32 -29.31
C GLN C 137 -15.89 28.41 -30.85
N GLY C 138 -14.77 28.01 -31.48
CA GLY C 138 -14.61 28.01 -32.93
C GLY C 138 -14.82 26.61 -33.47
N THR C 139 -14.24 26.36 -34.64
CA THR C 139 -14.43 25.10 -35.36
C THR C 139 -13.36 24.04 -35.00
N THR C 140 -13.70 22.78 -35.19
CA THR C 140 -12.79 21.66 -34.98
C THR C 140 -11.74 21.55 -36.10
N ALA C 141 -10.58 20.99 -35.75
CA ALA C 141 -9.52 20.72 -36.72
C ALA C 141 -9.87 19.51 -37.60
N ASP C 142 -9.43 19.55 -38.86
CA ASP C 142 -9.52 18.37 -39.75
C ASP C 142 -8.25 17.53 -39.53
N ILE C 143 -7.10 18.15 -39.80
CA ILE C 143 -5.78 17.55 -39.63
C ILE C 143 -5.45 17.63 -38.14
N LEU C 144 -4.87 16.55 -37.61
CA LEU C 144 -4.41 16.50 -36.21
C LEU C 144 -3.47 17.68 -35.92
N GLN C 145 -3.80 18.42 -34.87
CA GLN C 145 -3.03 19.58 -34.42
C GLN C 145 -2.11 19.20 -33.28
N GLU C 146 -0.93 19.79 -33.26
CA GLU C 146 0.05 19.63 -32.18
C GLU C 146 0.52 20.98 -31.67
N ALA C 147 0.95 21.01 -30.41
CA ALA C 147 1.60 22.20 -29.82
C ALA C 147 2.48 21.82 -28.64
N ASP C 148 3.42 22.71 -28.31
CA ASP C 148 4.26 22.61 -27.12
C ASP C 148 3.80 23.63 -26.08
N VAL C 149 3.66 23.16 -24.84
CA VAL C 149 3.20 23.98 -23.70
C VAL C 149 4.12 23.71 -22.50
N PRO C 150 4.50 24.77 -21.74
CA PRO C 150 5.38 24.55 -20.61
C PRO C 150 4.59 24.13 -19.37
N LEU C 151 5.17 23.24 -18.57
CA LEU C 151 4.53 22.77 -17.35
C LEU C 151 4.59 23.84 -16.27
N LEU C 152 3.56 23.88 -15.43
CA LEU C 152 3.50 24.75 -14.24
C LEU C 152 3.69 23.91 -13.00
N SER C 153 4.07 24.56 -11.91
CA SER C 153 3.91 24.01 -10.57
C SER C 153 2.41 24.00 -10.21
N ASN C 154 2.01 23.05 -9.38
CA ASN C 154 0.64 22.99 -8.86
C ASN C 154 0.26 24.22 -8.03
N GLU C 155 1.22 24.78 -7.30
CA GLU C 155 1.04 26.03 -6.54
C GLU C 155 0.66 27.22 -7.46
N ARG C 156 1.43 27.39 -8.54
CA ARG C 156 1.14 28.44 -9.54
C ARG C 156 -0.19 28.20 -10.26
N CYS C 157 -0.46 26.93 -10.61
CA CYS C 157 -1.73 26.57 -11.21
C CYS C 157 -2.92 26.86 -10.30
N GLN C 158 -2.79 26.56 -9.02
CA GLN C 158 -3.84 26.85 -8.02
C GLN C 158 -4.12 28.35 -7.91
N GLN C 159 -3.04 29.15 -7.85
CA GLN C 159 -3.14 30.63 -7.88
C GLN C 159 -3.91 31.15 -9.12
N GLN C 160 -3.63 30.56 -10.28
CA GLN C 160 -4.31 30.88 -11.54
C GLN C 160 -5.73 30.30 -11.70
N MET C 161 -6.08 29.32 -10.85
CA MET C 161 -7.39 28.64 -10.86
C MET C 161 -8.00 28.63 -9.45
N PRO C 162 -8.19 29.82 -8.84
CA PRO C 162 -8.72 29.88 -7.48
C PRO C 162 -10.18 29.36 -7.32
N GLU C 163 -10.93 29.29 -8.42
CA GLU C 163 -12.30 28.75 -8.44
C GLU C 163 -12.35 27.21 -8.45
N TYR C 164 -11.19 26.56 -8.60
CA TYR C 164 -11.06 25.12 -8.74
C TYR C 164 -10.18 24.55 -7.61
N ASN C 165 -10.32 23.25 -7.37
CA ASN C 165 -9.47 22.51 -6.44
CA ASN C 165 -9.48 22.51 -6.44
C ASN C 165 -8.41 21.81 -7.28
N ILE C 166 -7.22 22.43 -7.35
CA ILE C 166 -6.08 21.86 -8.06
C ILE C 166 -5.38 20.89 -7.09
N THR C 167 -5.48 19.60 -7.40
CA THR C 167 -4.98 18.53 -6.54
C THR C 167 -3.66 17.99 -7.08
N GLU C 168 -3.02 17.19 -6.22
CA GLU C 168 -1.89 16.33 -6.60
C GLU C 168 -2.14 15.36 -7.77
N ASN C 169 -3.42 15.08 -8.06
CA ASN C 169 -3.83 14.26 -9.20
C ASN C 169 -3.95 15.03 -10.52
N MET C 170 -3.50 16.29 -10.52
CA MET C 170 -3.50 17.12 -11.68
C MET C 170 -2.10 17.67 -11.93
N ILE C 171 -1.84 17.96 -13.20
CA ILE C 171 -0.64 18.65 -13.66
C ILE C 171 -1.10 19.70 -14.67
N CYS C 172 -0.53 20.89 -14.59
CA CYS C 172 -0.97 22.04 -15.39
C CYS C 172 0.08 22.48 -16.38
N ALA C 173 -0.36 22.95 -17.54
CA ALA C 173 0.51 23.50 -18.57
C ALA C 173 -0.16 24.62 -19.35
N GLY C 174 0.63 25.65 -19.66
CA GLY C 174 0.13 26.85 -20.32
C GLY C 174 1.14 27.96 -20.29
N TYR C 175 0.94 28.94 -21.17
CA TYR C 175 1.77 30.14 -21.24
C TYR C 175 1.16 31.25 -20.40
N GLU C 176 2.02 32.09 -19.82
CA GLU C 176 1.60 33.31 -19.11
C GLU C 176 0.70 34.19 -20.01
N GLU C 177 1.11 34.34 -21.27
CA GLU C 177 0.34 35.16 -22.23
C GLU C 177 -0.77 34.43 -23.00
N GLY C 178 -1.05 33.17 -22.69
CA GLY C 178 -2.07 32.38 -23.41
C GLY C 178 -1.64 32.08 -24.85
N GLY C 179 -2.63 31.90 -25.73
CA GLY C 179 -2.41 31.76 -27.17
C GLY C 179 -2.22 30.32 -27.68
N ILE C 180 -1.59 29.46 -26.86
CA ILE C 180 -1.32 28.07 -27.18
C ILE C 180 -1.89 27.21 -26.05
N ASP C 181 -2.82 26.31 -26.39
CA ASP C 181 -3.56 25.55 -25.37
C ASP C 181 -4.36 24.40 -25.99
N SER C 182 -4.75 23.45 -25.14
CA SER C 182 -5.80 22.50 -25.49
C SER C 182 -7.16 23.18 -25.41
N CYS C 183 -8.16 22.55 -26.03
CA CYS C 183 -9.53 23.09 -26.05
C CYS C 183 -10.55 21.99 -26.24
N GLN C 184 -11.84 22.37 -26.31
CA GLN C 184 -12.97 21.42 -26.45
CA GLN C 184 -12.97 21.42 -26.46
C GLN C 184 -12.71 20.49 -27.65
N GLY C 185 -12.91 19.19 -27.44
CA GLY C 185 -12.55 18.15 -28.43
C GLY C 185 -11.18 17.50 -28.24
N ASP C 186 -10.25 18.18 -27.55
CA ASP C 186 -8.92 17.61 -27.22
C ASP C 186 -8.87 16.80 -25.92
N SER C 187 -9.89 16.90 -25.07
CA SER C 187 -9.84 16.17 -23.77
C SER C 187 -9.83 14.66 -23.96
N GLY C 188 -9.16 13.99 -23.02
CA GLY C 188 -8.84 12.57 -23.12
C GLY C 188 -7.53 12.27 -23.83
N GLY C 189 -7.06 13.20 -24.70
CA GLY C 189 -5.79 13.05 -25.37
C GLY C 189 -4.58 13.24 -24.46
N PRO C 190 -3.38 13.04 -25.00
CA PRO C 190 -2.16 13.07 -24.22
C PRO C 190 -1.55 14.46 -24.01
N LEU C 191 -0.88 14.58 -22.86
CA LEU C 191 0.19 15.52 -22.63
C LEU C 191 1.42 14.60 -22.55
N MET C 192 2.33 14.70 -23.53
CA MET C 192 3.50 13.83 -23.62
C MET C 192 4.78 14.63 -23.41
N CYS C 193 5.66 14.11 -22.56
CA CYS C 193 6.96 14.71 -22.25
C CYS C 193 8.06 13.73 -22.64
N GLN C 194 9.11 14.26 -23.26
CA GLN C 194 10.28 13.48 -23.68
C GLN C 194 11.39 13.55 -22.65
N GLU C 195 11.96 12.40 -22.32
CA GLU C 195 13.22 12.31 -21.56
C GLU C 195 14.01 11.10 -22.06
N ASN C 196 15.32 11.26 -22.27
CA ASN C 196 16.22 10.21 -22.81
C ASN C 196 15.75 9.61 -24.16
N ASN C 197 15.26 10.49 -25.05
CA ASN C 197 14.69 10.13 -26.36
C ASN C 197 13.49 9.13 -26.31
N ARG C 198 12.72 9.16 -25.21
CA ARG C 198 11.52 8.35 -25.02
C ARG C 198 10.38 9.28 -24.58
N TRP C 199 9.24 9.15 -25.23
CA TRP C 199 8.04 9.90 -24.88
C TRP C 199 7.25 9.19 -23.79
N PHE C 200 6.79 9.95 -22.80
CA PHE C 200 6.02 9.47 -21.65
C PHE C 200 4.68 10.18 -21.58
N LEU C 201 3.63 9.43 -21.22
CA LEU C 201 2.31 9.99 -21.02
C LEU C 201 2.27 10.66 -19.64
N ALA C 202 2.61 11.94 -19.59
CA ALA C 202 2.62 12.71 -18.33
C ALA C 202 1.24 13.14 -17.87
N GLY C 203 0.34 13.42 -18.83
CA GLY C 203 -1.00 13.89 -18.53
C GLY C 203 -2.07 13.42 -19.49
N VAL C 204 -3.31 13.54 -19.05
CA VAL C 204 -4.50 13.31 -19.88
C VAL C 204 -5.23 14.64 -19.85
N THR C 205 -5.44 15.22 -21.03
CA THR C 205 -6.17 16.48 -21.23
C THR C 205 -7.56 16.48 -20.56
N SER C 206 -7.78 17.39 -19.61
CA SER C 206 -8.90 17.32 -18.66
C SER C 206 -9.81 18.56 -18.69
N PHE C 207 -9.31 19.70 -18.26
CA PHE C 207 -10.15 20.92 -18.18
C PHE C 207 -9.33 22.18 -18.09
N GLY C 208 -10.04 23.28 -18.21
CA GLY C 208 -9.51 24.61 -17.92
C GLY C 208 -10.61 25.65 -17.98
N TYR C 209 -10.26 26.90 -17.68
CA TYR C 209 -11.19 28.01 -17.84
C TYR C 209 -11.10 28.49 -19.27
N GLU C 210 -12.17 28.26 -20.03
CA GLU C 210 -12.20 28.50 -21.51
C GLU C 210 -10.97 27.83 -22.13
N CYS C 211 -10.32 28.46 -23.12
CA CYS C 211 -9.07 27.95 -23.70
C CYS C 211 -8.20 29.14 -24.11
N ALA C 212 -6.88 28.94 -24.01
CA ALA C 212 -5.87 29.85 -24.53
C ALA C 212 -5.85 31.26 -23.92
N LEU C 213 -6.44 31.44 -22.73
CA LEU C 213 -6.45 32.73 -22.05
C LEU C 213 -5.11 32.95 -21.33
N PRO C 214 -4.67 34.22 -21.15
CA PRO C 214 -3.49 34.49 -20.33
C PRO C 214 -3.67 34.00 -18.89
N ASN C 215 -2.65 33.33 -18.35
CA ASN C 215 -2.65 32.81 -16.98
C ASN C 215 -3.89 31.96 -16.62
N ARG C 216 -4.31 31.15 -17.59
CA ARG C 216 -5.40 30.19 -17.45
C ARG C 216 -4.94 28.92 -18.15
N PRO C 217 -4.18 28.08 -17.42
CA PRO C 217 -3.52 26.97 -18.06
C PRO C 217 -4.47 25.81 -18.32
N GLY C 218 -4.03 24.87 -19.16
CA GLY C 218 -4.67 23.56 -19.24
C GLY C 218 -4.34 22.76 -17.98
N VAL C 219 -5.35 22.08 -17.44
CA VAL C 219 -5.21 21.16 -16.34
C VAL C 219 -5.36 19.76 -16.94
N TYR C 220 -4.46 18.88 -16.53
CA TYR C 220 -4.31 17.53 -17.09
C TYR C 220 -4.30 16.58 -15.92
N ALA C 221 -4.92 15.40 -16.06
CA ALA C 221 -4.84 14.38 -15.02
C ALA C 221 -3.41 13.86 -14.98
N ARG C 222 -2.80 13.86 -13.80
CA ARG C 222 -1.38 13.50 -13.64
C ARG C 222 -1.19 11.98 -13.64
N VAL C 223 -0.69 11.46 -14.75
CA VAL C 223 -0.70 10.01 -15.03
C VAL C 223 0.21 9.19 -14.10
N SER C 224 1.35 9.76 -13.67
CA SER C 224 2.20 9.12 -12.63
C SER C 224 1.44 8.63 -11.38
N ARG C 225 0.40 9.37 -10.99
CA ARG C 225 -0.48 9.00 -9.87
C ARG C 225 -1.38 7.78 -10.16
N PHE C 226 -1.59 7.45 -11.43
CA PHE C 226 -2.44 6.33 -11.88
C PHE C 226 -1.72 5.19 -12.61
N THR C 227 -0.38 5.26 -12.70
CA THR C 227 0.44 4.23 -13.37
C THR C 227 0.12 2.81 -12.91
N GLU C 228 0.12 2.61 -11.59
CA GLU C 228 -0.19 1.32 -10.99
C GLU C 228 -1.60 0.83 -11.31
N TRP C 229 -2.57 1.73 -11.19
CA TRP C 229 -3.96 1.44 -11.58
C TRP C 229 -4.08 1.07 -13.08
N ILE C 230 -3.44 1.85 -13.95
CA ILE C 230 -3.46 1.60 -15.40
C ILE C 230 -2.81 0.25 -15.72
N GLN C 231 -1.63 0.01 -15.15
CA GLN C 231 -0.88 -1.25 -15.36
C GLN C 231 -1.60 -2.53 -14.95
N SER C 232 -2.49 -2.45 -13.95
CA SER C 232 -3.35 -3.60 -13.55
C SER C 232 -4.30 -4.13 -14.66
N PHE C 233 -4.61 -3.32 -15.67
CA PHE C 233 -5.41 -3.76 -16.85
C PHE C 233 -4.61 -4.44 -17.97
N LEU C 234 -3.28 -4.29 -18.00
CA LEU C 234 -2.48 -4.61 -19.20
C LEU C 234 -1.90 -6.04 -19.21
N ILE D 1 -27.05 -9.57 11.31
CA ILE D 1 -26.59 -9.60 12.75
C ILE D 1 -26.90 -11.00 13.30
N VAL D 2 -25.86 -11.74 13.69
CA VAL D 2 -26.00 -13.07 14.30
C VAL D 2 -26.15 -12.88 15.80
N GLY D 3 -27.10 -13.62 16.39
CA GLY D 3 -27.30 -13.66 17.84
C GLY D 3 -27.80 -12.38 18.49
N GLY D 4 -28.41 -11.50 17.70
CA GLY D 4 -29.03 -10.30 18.16
C GLY D 4 -30.49 -10.49 18.48
N SER D 5 -31.20 -9.36 18.58
CA SER D 5 -32.64 -9.35 18.78
C SER D 5 -33.26 -8.22 17.97
N ASP D 6 -34.59 -8.24 17.91
CA ASP D 6 -35.37 -7.20 17.24
C ASP D 6 -35.18 -5.86 17.97
N ALA D 7 -34.68 -4.87 17.24
CA ALA D 7 -34.64 -3.50 17.74
C ALA D 7 -36.05 -2.90 17.79
N LYS D 8 -36.30 -2.09 18.82
CA LYS D 8 -37.56 -1.31 18.88
C LYS D 8 -37.56 -0.22 17.81
N GLU D 9 -38.75 0.25 17.46
CA GLU D 9 -38.93 1.44 16.62
C GLU D 9 -38.26 2.64 17.28
N GLY D 10 -37.43 3.35 16.52
CA GLY D 10 -36.67 4.50 17.03
C GLY D 10 -35.49 4.23 17.95
N ALA D 11 -35.03 2.96 18.03
CA ALA D 11 -33.88 2.60 18.88
C ALA D 11 -32.57 3.19 18.36
N TRP D 12 -32.38 3.13 17.04
CA TRP D 12 -31.15 3.56 16.36
C TRP D 12 -31.54 4.49 15.20
N PRO D 13 -32.00 5.72 15.50
CA PRO D 13 -32.52 6.64 14.47
C PRO D 13 -31.52 7.12 13.39
N TRP D 14 -30.22 6.92 13.63
CA TRP D 14 -29.15 7.09 12.62
C TRP D 14 -28.97 5.95 11.63
N VAL D 15 -29.52 4.77 11.91
CA VAL D 15 -29.33 3.59 11.04
C VAL D 15 -30.15 3.77 9.77
N VAL D 16 -29.49 3.61 8.63
CA VAL D 16 -30.08 3.81 7.31
C VAL D 16 -29.86 2.54 6.50
N GLY D 17 -30.90 2.12 5.76
CA GLY D 17 -30.82 0.97 4.86
C GLY D 17 -30.54 1.44 3.44
N LEU D 18 -29.52 0.86 2.81
CA LEU D 18 -29.14 1.23 1.43
C LEU D 18 -29.61 0.19 0.45
N TYR D 19 -30.43 0.61 -0.50
CA TYR D 19 -31.02 -0.25 -1.53
C TYR D 19 -30.37 0.04 -2.88
N TYR D 20 -30.00 -1.03 -3.56
CA TYR D 20 -29.49 -1.00 -4.94
C TYR D 20 -30.25 -2.11 -5.66
N ASP D 21 -30.82 -1.81 -6.83
CA ASP D 21 -31.63 -2.78 -7.59
C ASP D 21 -32.77 -3.42 -6.73
N ASP D 22 -33.43 -2.58 -5.94
CA ASP D 22 -34.51 -2.97 -5.01
C ASP D 22 -34.11 -4.02 -3.92
N ARG D 23 -32.83 -4.12 -3.61
CA ARG D 23 -32.31 -5.09 -2.62
CA ARG D 23 -32.31 -5.10 -2.62
C ARG D 23 -31.52 -4.31 -1.59
N LEU D 24 -31.80 -4.55 -0.30
CA LEU D 24 -31.05 -3.90 0.77
C LEU D 24 -29.71 -4.64 0.93
N LEU D 25 -28.64 -4.00 0.48
CA LEU D 25 -27.30 -4.60 0.42
C LEU D 25 -26.36 -4.21 1.55
N CYS D 26 -26.54 -3.00 2.10
CA CYS D 26 -25.65 -2.45 3.11
C CYS D 26 -26.40 -1.52 4.05
N GLY D 27 -25.82 -1.31 5.22
CA GLY D 27 -26.25 -0.27 6.14
C GLY D 27 -25.51 1.03 5.89
N ALA D 28 -25.91 2.06 6.62
CA ALA D 28 -25.25 3.36 6.65
C ALA D 28 -25.66 4.11 7.92
N SER D 29 -24.92 5.18 8.22
CA SER D 29 -25.17 6.03 9.39
C SER D 29 -25.39 7.48 8.97
N LEU D 30 -26.52 8.05 9.39
CA LEU D 30 -26.82 9.46 9.16
C LEU D 30 -25.89 10.28 10.06
N VAL D 31 -25.10 11.18 9.46
CA VAL D 31 -24.18 12.10 10.21
C VAL D 31 -24.49 13.59 10.10
N SER D 32 -25.39 13.98 9.18
CA SER D 32 -25.93 15.35 9.09
C SER D 32 -27.30 15.29 8.41
N SER D 33 -27.89 16.43 8.10
CA SER D 33 -29.17 16.46 7.37
C SER D 33 -29.12 15.88 5.94
N ASP D 34 -27.91 15.81 5.32
CA ASP D 34 -27.76 15.29 3.95
C ASP D 34 -26.58 14.35 3.66
N TRP D 35 -25.85 13.88 4.68
CA TRP D 35 -24.70 12.96 4.45
C TRP D 35 -24.79 11.68 5.27
N LEU D 36 -24.45 10.56 4.61
CA LEU D 36 -24.33 9.26 5.24
C LEU D 36 -22.86 8.81 5.24
N VAL D 37 -22.50 8.04 6.26
CA VAL D 37 -21.23 7.30 6.31
C VAL D 37 -21.55 5.82 6.10
N SER D 38 -20.86 5.20 5.15
CA SER D 38 -21.02 3.77 4.86
C SER D 38 -19.65 3.17 4.55
N ALA D 39 -19.62 1.94 4.07
CA ALA D 39 -18.38 1.23 3.74
C ALA D 39 -18.10 1.38 2.25
N ALA D 40 -16.84 1.64 1.92
CA ALA D 40 -16.35 1.73 0.55
C ALA D 40 -16.66 0.51 -0.30
N HIS D 41 -16.46 -0.69 0.27
CA HIS D 41 -16.70 -1.94 -0.49
C HIS D 41 -18.18 -2.12 -0.90
N CYS D 42 -19.12 -1.59 -0.13
CA CYS D 42 -20.55 -1.58 -0.50
C CYS D 42 -20.81 -0.91 -1.84
N VAL D 43 -20.13 0.22 -2.05
CA VAL D 43 -20.34 1.10 -3.21
C VAL D 43 -19.30 0.97 -4.31
N TYR D 44 -18.15 0.35 -4.03
CA TYR D 44 -17.09 0.18 -5.06
C TYR D 44 -17.61 -0.70 -6.20
N GLY D 45 -17.36 -0.26 -7.44
CA GLY D 45 -17.98 -0.84 -8.64
C GLY D 45 -19.45 -0.48 -8.92
N ARG D 46 -20.07 0.33 -8.05
CA ARG D 46 -21.48 0.77 -8.18
C ARG D 46 -21.69 2.25 -7.78
N ASN D 47 -20.66 3.09 -8.00
CA ASN D 47 -20.66 4.50 -7.59
C ASN D 47 -20.80 5.52 -8.73
N LEU D 48 -20.59 5.08 -9.98
CA LEU D 48 -20.64 5.95 -11.16
C LEU D 48 -22.03 6.50 -11.48
N GLU D 49 -23.07 5.69 -11.23
CA GLU D 49 -24.48 6.13 -11.29
C GLU D 49 -25.05 6.15 -9.85
N PRO D 50 -24.85 7.25 -9.09
CA PRO D 50 -25.31 7.27 -7.69
C PRO D 50 -26.82 7.17 -7.46
N SER D 51 -27.64 7.64 -8.41
CA SER D 51 -29.12 7.52 -8.32
C SER D 51 -29.67 6.08 -8.42
N LYS D 52 -28.83 5.10 -8.77
CA LYS D 52 -29.15 3.68 -8.58
C LYS D 52 -29.26 3.26 -7.09
N TRP D 53 -28.67 4.04 -6.18
CA TRP D 53 -28.80 3.81 -4.74
C TRP D 53 -29.94 4.63 -4.14
N THR D 54 -30.71 3.98 -3.26
CA THR D 54 -31.79 4.60 -2.47
C THR D 54 -31.51 4.35 -0.98
N ALA D 55 -31.50 5.42 -0.19
CA ALA D 55 -31.43 5.34 1.27
C ALA D 55 -32.85 5.39 1.83
N ILE D 56 -33.18 4.41 2.68
CA ILE D 56 -34.42 4.45 3.48
C ILE D 56 -34.03 4.79 4.91
N LEU D 57 -34.49 5.97 5.36
CA LEU D 57 -34.28 6.45 6.71
C LEU D 57 -35.56 6.22 7.52
N GLY D 58 -35.41 6.11 8.85
CA GLY D 58 -36.49 5.74 9.74
C GLY D 58 -37.08 4.35 9.53
N LEU D 59 -36.28 3.43 8.97
CA LEU D 59 -36.73 2.06 8.66
C LEU D 59 -36.60 1.20 9.92
N HIS D 60 -37.63 0.41 10.19
CA HIS D 60 -37.67 -0.62 11.23
C HIS D 60 -37.72 -2.01 10.60
N MET D 61 -38.80 -2.29 9.87
CA MET D 61 -39.08 -3.59 9.25
C MET D 61 -39.14 -3.40 7.72
N LYS D 62 -38.36 -4.19 6.99
CA LYS D 62 -38.37 -4.19 5.52
C LYS D 62 -39.73 -4.54 4.89
N SER D 63 -40.52 -5.38 5.56
CA SER D 63 -41.90 -5.71 5.14
C SER D 63 -42.97 -4.63 5.49
N ASN D 64 -42.58 -3.53 6.12
CA ASN D 64 -43.42 -2.35 6.33
C ASN D 64 -42.60 -1.09 5.93
N LEU D 65 -42.51 -0.88 4.61
CA LEU D 65 -41.87 0.29 4.00
C LEU D 65 -42.80 1.49 4.01
N THR D 66 -44.09 1.26 3.72
CA THR D 66 -45.14 2.28 3.73
C THR D 66 -45.71 2.47 5.14
N SER D 67 -44.95 3.20 5.95
CA SER D 67 -45.39 3.69 7.28
C SER D 67 -44.91 5.15 7.42
N PRO D 68 -45.61 5.97 8.25
CA PRO D 68 -45.35 7.43 8.22
C PRO D 68 -43.93 7.86 8.67
N GLN D 69 -43.33 7.08 9.56
CA GLN D 69 -41.96 7.32 10.03
C GLN D 69 -40.81 7.08 9.02
N THR D 70 -41.04 6.35 7.93
CA THR D 70 -39.99 6.11 6.91
C THR D 70 -39.91 7.23 5.89
N VAL D 71 -38.69 7.54 5.44
CA VAL D 71 -38.41 8.58 4.42
C VAL D 71 -37.42 7.98 3.41
N PRO D 72 -37.77 7.92 2.10
CA PRO D 72 -36.81 7.51 1.07
C PRO D 72 -36.04 8.71 0.51
N ARG D 73 -34.77 8.48 0.17
CA ARG D 73 -33.92 9.47 -0.51
C ARG D 73 -33.01 8.80 -1.52
N LEU D 74 -33.04 9.29 -2.77
CA LEU D 74 -32.02 8.93 -3.76
C LEU D 74 -30.67 9.53 -3.35
N ILE D 75 -29.61 8.80 -3.65
CA ILE D 75 -28.24 9.25 -3.48
C ILE D 75 -27.86 9.93 -4.79
N ASP D 76 -27.28 11.13 -4.71
CA ASP D 76 -26.73 11.83 -5.90
C ASP D 76 -25.21 12.05 -5.90
N GLU D 77 -24.50 11.58 -4.86
CA GLU D 77 -23.03 11.62 -4.83
C GLU D 77 -22.49 10.57 -3.87
N ILE D 78 -21.49 9.83 -4.33
CA ILE D 78 -20.80 8.81 -3.54
C ILE D 78 -19.30 9.12 -3.64
N VAL D 79 -18.65 9.28 -2.48
CA VAL D 79 -17.22 9.57 -2.41
C VAL D 79 -16.59 8.49 -1.53
N ILE D 80 -15.87 7.57 -2.19
CA ILE D 80 -15.06 6.56 -1.50
C ILE D 80 -13.84 7.26 -0.90
N ASN D 81 -13.37 6.77 0.24
CA ASN D 81 -12.15 7.30 0.86
C ASN D 81 -11.00 7.20 -0.13
N PRO D 82 -10.21 8.29 -0.33
CA PRO D 82 -9.11 8.23 -1.30
C PRO D 82 -7.98 7.24 -1.00
N HIS D 83 -7.86 6.77 0.25
CA HIS D 83 -6.91 5.71 0.61
C HIS D 83 -7.51 4.29 0.67
N TYR D 84 -8.75 4.10 0.15
CA TYR D 84 -9.36 2.78 0.13
C TYR D 84 -8.51 1.82 -0.72
N ASN D 85 -8.10 0.72 -0.08
CA ASN D 85 -7.38 -0.37 -0.74
C ASN D 85 -8.33 -1.57 -0.65
N ARG D 86 -8.80 -2.03 -1.82
CA ARG D 86 -9.78 -3.13 -1.93
C ARG D 86 -9.19 -4.44 -1.40
N ARG D 87 -8.03 -4.82 -1.93
CA ARG D 87 -7.39 -6.10 -1.60
C ARG D 87 -7.13 -6.27 -0.08
N ARG D 88 -6.52 -5.25 0.53
CA ARG D 88 -6.21 -5.25 1.98
C ARG D 88 -7.38 -4.88 2.90
N LYS D 89 -8.48 -4.36 2.35
CA LYS D 89 -9.68 -3.94 3.11
C LYS D 89 -9.47 -2.71 4.01
N ASP D 90 -8.40 -1.95 3.76
CA ASP D 90 -7.99 -0.84 4.59
C ASP D 90 -8.73 0.42 4.15
N ASN D 91 -9.08 1.27 5.12
CA ASN D 91 -9.81 2.54 4.87
C ASN D 91 -11.16 2.32 4.18
N ASP D 92 -11.90 1.37 4.73
CA ASP D 92 -13.13 0.87 4.14
C ASP D 92 -14.28 1.77 4.61
N ILE D 93 -14.34 2.95 4.02
CA ILE D 93 -15.30 3.98 4.41
C ILE D 93 -15.65 4.86 3.23
N ALA D 94 -16.88 5.36 3.21
CA ALA D 94 -17.38 6.16 2.10
C ALA D 94 -18.45 7.15 2.55
N MET D 95 -18.53 8.29 1.85
CA MET D 95 -19.55 9.31 2.05
C MET D 95 -20.59 9.19 0.94
N MET D 96 -21.85 9.38 1.32
CA MET D 96 -22.98 9.30 0.39
C MET D 96 -23.95 10.46 0.64
N HIS D 97 -24.20 11.27 -0.39
CA HIS D 97 -25.05 12.47 -0.29
C HIS D 97 -26.51 12.17 -0.62
N LEU D 98 -27.40 12.60 0.26
CA LEU D 98 -28.85 12.54 0.03
C LEU D 98 -29.22 13.68 -0.91
N GLU D 99 -30.00 13.37 -1.95
CA GLU D 99 -30.40 14.36 -2.96
C GLU D 99 -31.12 15.57 -2.37
N PHE D 100 -31.95 15.31 -1.35
CA PHE D 100 -32.60 16.33 -0.55
C PHE D 100 -32.34 16.05 0.92
N LYS D 101 -32.24 17.10 1.72
CA LYS D 101 -32.06 16.98 3.18
C LYS D 101 -33.25 16.27 3.84
N VAL D 102 -33.00 15.68 4.99
CA VAL D 102 -34.05 15.11 5.85
C VAL D 102 -34.26 16.01 7.07
N ASN D 103 -35.51 16.09 7.50
CA ASN D 103 -35.89 16.74 8.75
C ASN D 103 -35.87 15.67 9.85
N TYR D 104 -35.32 16.04 11.00
CA TYR D 104 -35.12 15.08 12.10
C TYR D 104 -36.40 14.83 12.89
N THR D 105 -36.60 13.57 13.28
CA THR D 105 -37.77 13.11 14.07
C THR D 105 -37.25 12.16 15.17
N ASP D 106 -38.16 11.55 15.93
CA ASP D 106 -37.79 10.45 16.85
CA ASP D 106 -37.82 10.43 16.84
C ASP D 106 -37.18 9.22 16.14
N TYR D 107 -37.50 9.05 14.85
CA TYR D 107 -37.00 7.93 14.04
C TYR D 107 -35.82 8.26 13.11
N ILE D 108 -35.49 9.56 12.93
CA ILE D 108 -34.40 10.02 12.04
C ILE D 108 -33.59 11.08 12.79
N GLN D 109 -32.33 10.74 13.12
CA GLN D 109 -31.42 11.60 13.87
CA GLN D 109 -31.42 11.59 13.89
C GLN D 109 -29.99 11.33 13.41
N PRO D 110 -29.11 12.37 13.41
CA PRO D 110 -27.71 12.11 13.09
C PRO D 110 -26.97 11.50 14.30
N ILE D 111 -25.93 10.72 14.05
CA ILE D 111 -25.03 10.22 15.11
C ILE D 111 -23.79 11.12 15.15
N SER D 112 -23.37 11.46 16.37
CA SER D 112 -22.16 12.28 16.58
C SER D 112 -20.91 11.49 16.16
N LEU D 113 -19.97 12.19 15.54
CA LEU D 113 -18.64 11.64 15.23
C LEU D 113 -17.79 11.65 16.51
N PRO D 114 -16.78 10.76 16.60
CA PRO D 114 -15.96 10.75 17.82
C PRO D 114 -15.10 12.00 18.02
N GLU D 115 -14.93 12.38 19.28
CA GLU D 115 -14.30 13.61 19.68
C GLU D 115 -12.81 13.49 19.41
N GLU D 116 -12.16 14.64 19.16
CA GLU D 116 -10.69 14.74 19.15
C GLU D 116 -10.08 14.18 20.44
N ASN D 117 -9.30 13.10 20.24
CA ASN D 117 -8.59 12.18 21.18
C ASN D 117 -9.42 11.02 21.80
N GLN D 118 -10.64 10.77 21.30
CA GLN D 118 -11.59 9.96 22.09
C GLN D 118 -11.19 8.50 22.09
N VAL D 119 -11.26 7.90 23.28
CA VAL D 119 -10.85 6.52 23.51
C VAL D 119 -12.10 5.67 23.68
N PHE D 120 -12.24 4.68 22.81
CA PHE D 120 -13.19 3.59 23.00
C PHE D 120 -12.37 2.37 23.45
N PRO D 121 -12.23 2.15 24.78
CA PRO D 121 -11.21 1.17 25.24
C PRO D 121 -11.64 -0.28 25.01
N PRO D 122 -10.66 -1.22 24.83
CA PRO D 122 -10.96 -2.66 24.83
C PRO D 122 -11.73 -3.13 26.06
N GLY D 123 -12.68 -4.04 25.88
CA GLY D 123 -13.56 -4.52 26.96
C GLY D 123 -14.89 -3.80 27.16
N ARG D 124 -15.04 -2.59 26.61
CA ARG D 124 -16.32 -1.87 26.65
C ARG D 124 -17.29 -2.47 25.63
N ASN D 125 -18.55 -2.59 26.05
CA ASN D 125 -19.63 -3.05 25.16
C ASN D 125 -20.12 -1.87 24.34
N CYS D 126 -20.03 -2.01 23.03
CA CYS D 126 -20.64 -1.12 22.07
C CYS D 126 -21.73 -1.90 21.34
N SER D 127 -22.51 -1.21 20.51
CA SER D 127 -23.66 -1.79 19.84
C SER D 127 -23.51 -1.79 18.32
N ILE D 128 -24.08 -2.82 17.70
CA ILE D 128 -24.17 -2.95 16.23
C ILE D 128 -25.61 -3.17 15.84
N ALA D 129 -25.94 -2.81 14.59
CA ALA D 129 -27.28 -3.01 14.06
C ALA D 129 -27.32 -3.16 12.54
N GLY D 130 -28.32 -3.89 12.05
CA GLY D 130 -28.53 -4.06 10.62
C GLY D 130 -29.54 -5.11 10.22
N TRP D 131 -29.78 -5.15 8.91
CA TRP D 131 -30.71 -6.07 8.28
C TRP D 131 -30.01 -7.22 7.56
N GLY D 132 -28.74 -7.46 7.89
CA GLY D 132 -27.96 -8.53 7.28
C GLY D 132 -28.36 -9.91 7.73
N THR D 133 -27.58 -10.90 7.30
CA THR D 133 -27.89 -12.30 7.57
C THR D 133 -27.85 -12.57 9.09
N VAL D 134 -28.78 -13.43 9.54
CA VAL D 134 -28.97 -13.75 10.98
C VAL D 134 -28.14 -14.96 11.44
N VAL D 135 -27.68 -15.78 10.48
CA VAL D 135 -26.61 -16.77 10.69
C VAL D 135 -25.67 -16.69 9.49
N TYR D 136 -24.43 -17.15 9.64
CA TYR D 136 -23.50 -17.27 8.52
C TYR D 136 -24.09 -18.11 7.36
N GLN D 137 -24.13 -17.49 6.18
CA GLN D 137 -24.76 -18.06 4.97
C GLN D 137 -26.27 -18.38 5.09
N GLY D 138 -26.96 -17.69 6.02
CA GLY D 138 -28.40 -17.82 6.22
C GLY D 138 -29.10 -16.66 5.51
N THR D 139 -30.32 -16.39 5.94
CA THR D 139 -31.18 -15.39 5.30
C THR D 139 -31.11 -14.02 5.98
N THR D 140 -31.48 -12.98 5.23
CA THR D 140 -31.52 -11.62 5.76
C THR D 140 -32.68 -11.38 6.73
N ALA D 141 -32.46 -10.44 7.64
CA ALA D 141 -33.46 -10.04 8.64
C ALA D 141 -34.54 -9.19 7.99
N ASP D 142 -35.77 -9.31 8.50
CA ASP D 142 -36.87 -8.44 8.12
C ASP D 142 -36.85 -7.23 9.07
N ILE D 143 -36.99 -7.51 10.37
CA ILE D 143 -36.96 -6.47 11.41
C ILE D 143 -35.49 -6.18 11.70
N LEU D 144 -35.16 -4.89 11.86
CA LEU D 144 -33.82 -4.46 12.23
C LEU D 144 -33.32 -5.19 13.47
N GLN D 145 -32.14 -5.80 13.36
CA GLN D 145 -31.50 -6.55 14.43
C GLN D 145 -30.47 -5.68 15.12
N GLU D 146 -30.38 -5.84 16.44
CA GLU D 146 -29.37 -5.17 17.27
C GLU D 146 -28.61 -6.18 18.13
N ALA D 147 -27.38 -5.84 18.48
CA ALA D 147 -26.60 -6.62 19.45
C ALA D 147 -25.51 -5.77 20.10
N ASP D 148 -25.02 -6.22 21.27
CA ASP D 148 -23.88 -5.64 21.95
C ASP D 148 -22.67 -6.56 21.80
N VAL D 149 -21.53 -5.97 21.47
CA VAL D 149 -20.26 -6.68 21.26
C VAL D 149 -19.14 -5.91 21.99
N PRO D 150 -18.20 -6.62 22.65
CA PRO D 150 -17.13 -5.92 23.34
C PRO D 150 -15.99 -5.60 22.38
N LEU D 151 -15.37 -4.44 22.57
CA LEU D 151 -14.25 -3.99 21.76
C LEU D 151 -12.99 -4.80 22.11
N LEU D 152 -12.15 -5.05 21.11
CA LEU D 152 -10.84 -5.66 21.28
C LEU D 152 -9.76 -4.60 21.10
N SER D 153 -8.58 -4.90 21.63
CA SER D 153 -7.35 -4.21 21.23
C SER D 153 -6.98 -4.65 19.81
N ASN D 154 -6.33 -3.77 19.06
CA ASN D 154 -5.81 -4.10 17.72
C ASN D 154 -4.78 -5.24 17.75
N GLU D 155 -3.98 -5.31 18.80
CA GLU D 155 -3.02 -6.40 19.03
C GLU D 155 -3.72 -7.78 19.12
N ARG D 156 -4.75 -7.86 19.97
CA ARG D 156 -5.55 -9.08 20.12
C ARG D 156 -6.29 -9.44 18.82
N CYS D 157 -6.85 -8.43 18.15
CA CYS D 157 -7.52 -8.63 16.87
C CYS D 157 -6.58 -9.16 15.79
N GLN D 158 -5.36 -8.61 15.74
CA GLN D 158 -4.33 -9.08 14.79
C GLN D 158 -3.95 -10.53 15.04
N GLN D 159 -3.75 -10.89 16.30
CA GLN D 159 -3.51 -12.29 16.73
C GLN D 159 -4.62 -13.25 16.27
N GLN D 160 -5.87 -12.81 16.42
CA GLN D 160 -7.06 -13.56 15.96
C GLN D 160 -7.31 -13.55 14.44
N MET D 161 -6.66 -12.63 13.72
CA MET D 161 -6.78 -12.46 12.27
C MET D 161 -5.40 -12.41 11.61
N PRO D 162 -4.57 -13.47 11.81
CA PRO D 162 -3.23 -13.44 11.24
C PRO D 162 -3.15 -13.45 9.69
N GLU D 163 -4.23 -13.86 9.04
CA GLU D 163 -4.35 -13.86 7.57
C GLU D 163 -4.67 -12.48 6.99
N TYR D 164 -4.96 -11.50 7.86
CA TYR D 164 -5.37 -10.15 7.49
C TYR D 164 -4.39 -9.13 8.03
N ASN D 165 -4.41 -7.94 7.43
CA ASN D 165 -3.61 -6.79 7.90
C ASN D 165 -4.58 -5.93 8.70
N ILE D 166 -4.52 -6.08 10.02
CA ILE D 166 -5.31 -5.27 10.96
C ILE D 166 -4.51 -4.00 11.21
N THR D 167 -5.02 -2.89 10.69
CA THR D 167 -4.34 -1.60 10.72
C THR D 167 -4.94 -0.72 11.81
N GLU D 168 -4.23 0.37 12.09
CA GLU D 168 -4.72 1.51 12.88
C GLU D 168 -6.05 2.14 12.40
N ASN D 169 -6.39 1.91 11.13
CA ASN D 169 -7.68 2.35 10.54
C ASN D 169 -8.84 1.39 10.78
N MET D 170 -8.61 0.38 11.61
CA MET D 170 -9.61 -0.59 11.96
C MET D 170 -9.75 -0.67 13.48
N ILE D 171 -10.96 -1.06 13.90
CA ILE D 171 -11.27 -1.36 15.29
C ILE D 171 -12.09 -2.66 15.27
N CYS D 172 -11.80 -3.56 16.21
CA CYS D 172 -12.40 -4.90 16.23
C CYS D 172 -13.30 -5.10 17.43
N ALA D 173 -14.38 -5.87 17.22
CA ALA D 173 -15.29 -6.26 18.30
C ALA D 173 -15.87 -7.64 18.08
N GLY D 174 -16.01 -8.38 19.17
CA GLY D 174 -16.47 -9.76 19.15
C GLY D 174 -16.24 -10.46 20.46
N TYR D 175 -16.92 -11.58 20.65
CA TYR D 175 -16.79 -12.41 21.86
C TYR D 175 -15.76 -13.51 21.63
N GLU D 176 -15.05 -13.86 22.70
CA GLU D 176 -14.16 -15.02 22.72
C GLU D 176 -14.87 -16.31 22.22
N GLU D 177 -16.07 -16.50 22.74
CA GLU D 177 -16.94 -17.64 22.43
C GLU D 177 -17.76 -17.55 21.10
N GLY D 178 -17.67 -16.45 20.37
CA GLY D 178 -18.53 -16.20 19.20
C GLY D 178 -19.98 -16.02 19.56
N GLY D 179 -20.87 -16.34 18.62
CA GLY D 179 -22.32 -16.32 18.84
C GLY D 179 -23.02 -15.01 18.50
N ILE D 180 -22.36 -13.87 18.73
CA ILE D 180 -22.93 -12.54 18.51
C ILE D 180 -21.96 -11.75 17.64
N ASP D 181 -22.44 -11.29 16.48
CA ASP D 181 -21.57 -10.62 15.50
C ASP D 181 -22.37 -9.95 14.37
N SER D 182 -21.70 -9.06 13.65
CA SER D 182 -22.20 -8.59 12.35
C SER D 182 -21.99 -9.67 11.29
N CYS D 183 -22.69 -9.51 10.17
CA CYS D 183 -22.59 -10.47 9.07
C CYS D 183 -22.95 -9.81 7.75
N GLN D 184 -22.90 -10.60 6.66
CA GLN D 184 -23.18 -10.12 5.30
CA GLN D 184 -23.15 -10.08 5.31
C GLN D 184 -24.52 -9.36 5.26
N GLY D 185 -24.54 -8.17 4.64
CA GLY D 185 -25.71 -7.29 4.65
C GLY D 185 -25.71 -6.21 5.73
N ASP D 186 -24.94 -6.41 6.82
CA ASP D 186 -24.77 -5.38 7.87
C ASP D 186 -23.65 -4.38 7.57
N SER D 187 -22.77 -4.67 6.60
CA SER D 187 -21.63 -3.79 6.33
C SER D 187 -22.08 -2.40 5.86
N GLY D 188 -21.27 -1.41 6.21
CA GLY D 188 -21.65 -0.01 6.07
C GLY D 188 -22.40 0.58 7.25
N GLY D 189 -23.08 -0.25 8.04
CA GLY D 189 -23.78 0.19 9.24
C GLY D 189 -22.86 0.55 10.39
N PRO D 190 -23.43 1.03 11.50
CA PRO D 190 -22.64 1.55 12.62
C PRO D 190 -22.19 0.51 13.63
N LEU D 191 -21.04 0.80 14.23
CA LEU D 191 -20.65 0.33 15.55
C LEU D 191 -20.74 1.61 16.39
N MET D 192 -21.69 1.65 17.33
CA MET D 192 -21.94 2.83 18.17
C MET D 192 -21.60 2.54 19.62
N CYS D 193 -20.84 3.46 20.24
CA CYS D 193 -20.46 3.38 21.65
C CYS D 193 -21.01 4.58 22.40
N GLN D 194 -21.54 4.33 23.59
CA GLN D 194 -22.10 5.36 24.46
C GLN D 194 -21.07 5.85 25.47
N GLU D 195 -20.97 7.17 25.62
CA GLU D 195 -20.27 7.79 26.76
C GLU D 195 -21.02 9.07 27.16
N ASN D 196 -21.22 9.28 28.47
CA ASN D 196 -21.95 10.43 29.01
C ASN D 196 -23.38 10.60 28.44
N ASN D 197 -24.08 9.49 28.29
CA ASN D 197 -25.44 9.42 27.69
C ASN D 197 -25.54 9.97 26.24
N ARG D 198 -24.45 9.89 25.48
CA ARG D 198 -24.40 10.27 24.06
C ARG D 198 -23.77 9.15 23.26
N TRP D 199 -24.41 8.79 22.15
CA TRP D 199 -23.92 7.74 21.25
C TRP D 199 -22.97 8.34 20.23
N PHE D 200 -21.85 7.64 19.99
CA PHE D 200 -20.80 8.04 19.05
C PHE D 200 -20.57 6.96 18.00
N LEU D 201 -20.33 7.37 16.75
CA LEU D 201 -20.04 6.44 15.67
C LEU D 201 -18.57 6.05 15.76
N ALA D 202 -18.28 4.97 16.50
CA ALA D 202 -16.91 4.48 16.67
C ALA D 202 -16.40 3.70 15.47
N GLY D 203 -17.28 2.99 14.78
CA GLY D 203 -16.91 2.14 13.66
C GLY D 203 -17.94 2.04 12.54
N VAL D 204 -17.47 1.59 11.38
CA VAL D 204 -18.32 1.26 10.24
C VAL D 204 -18.07 -0.21 9.99
N THR D 205 -19.14 -1.01 10.04
CA THR D 205 -19.11 -2.44 9.77
C THR D 205 -18.45 -2.81 8.43
N SER D 206 -17.36 -3.59 8.47
CA SER D 206 -16.44 -3.75 7.34
C SER D 206 -16.25 -5.21 6.90
N PHE D 207 -15.65 -6.05 7.74
CA PHE D 207 -15.36 -7.44 7.36
C PHE D 207 -15.05 -8.33 8.56
N GLY D 208 -14.95 -9.62 8.28
CA GLY D 208 -14.43 -10.60 9.23
C GLY D 208 -14.28 -11.96 8.57
N TYR D 209 -13.77 -12.94 9.33
CA TYR D 209 -13.71 -14.32 8.87
C TYR D 209 -15.03 -14.97 9.19
N GLU D 210 -15.80 -15.28 8.14
CA GLU D 210 -17.18 -15.74 8.27
C GLU D 210 -17.95 -14.81 9.22
N CYS D 211 -18.85 -15.32 10.06
CA CYS D 211 -19.54 -14.54 11.08
C CYS D 211 -19.75 -15.37 12.34
N ALA D 212 -19.68 -14.70 13.49
CA ALA D 212 -20.03 -15.25 14.80
C ALA D 212 -19.17 -16.46 15.27
N LEU D 213 -17.97 -16.62 14.70
CA LEU D 213 -17.09 -17.73 15.11
C LEU D 213 -16.34 -17.35 16.40
N PRO D 214 -15.94 -18.38 17.22
CA PRO D 214 -15.11 -18.09 18.41
C PRO D 214 -13.77 -17.45 18.01
N ASN D 215 -13.37 -16.40 18.72
CA ASN D 215 -12.11 -15.67 18.47
C ASN D 215 -11.90 -15.24 17.00
N ARG D 216 -12.98 -14.81 16.38
CA ARG D 216 -12.99 -14.29 15.01
C ARG D 216 -13.93 -13.07 15.03
N PRO D 217 -13.35 -11.90 15.41
CA PRO D 217 -14.18 -10.74 15.67
C PRO D 217 -14.62 -10.05 14.39
N GLY D 218 -15.61 -9.18 14.52
CA GLY D 218 -15.91 -8.19 13.48
C GLY D 218 -14.85 -7.13 13.44
N VAL D 219 -14.44 -6.77 12.22
CA VAL D 219 -13.50 -5.69 11.98
C VAL D 219 -14.34 -4.53 11.41
N TYR D 220 -14.08 -3.34 11.93
CA TYR D 220 -14.85 -2.14 11.65
C TYR D 220 -13.86 -1.05 11.27
N ALA D 221 -14.20 -0.20 10.29
CA ALA D 221 -13.36 0.95 9.99
C ALA D 221 -13.43 1.90 11.17
N ARG D 222 -12.26 2.31 11.68
CA ARG D 222 -12.16 3.16 12.89
C ARG D 222 -12.42 4.62 12.54
N VAL D 223 -13.60 5.11 12.91
CA VAL D 223 -14.13 6.41 12.44
C VAL D 223 -13.34 7.61 12.95
N SER D 224 -12.80 7.55 14.18
CA SER D 224 -11.89 8.60 14.69
C SER D 224 -10.73 8.98 13.73
N ARG D 225 -10.24 8.00 12.98
CA ARG D 225 -9.22 8.23 11.93
C ARG D 225 -9.70 8.98 10.72
N PHE D 226 -11.01 9.02 10.49
CA PHE D 226 -11.65 9.69 9.33
C PHE D 226 -12.54 10.89 9.67
N THR D 227 -12.59 11.28 10.96
CA THR D 227 -13.40 12.42 11.44
CA THR D 227 -13.40 12.43 11.43
C THR D 227 -13.18 13.68 10.62
N GLU D 228 -11.91 14.06 10.46
CA GLU D 228 -11.51 15.24 9.69
C GLU D 228 -11.98 15.17 8.23
N TRP D 229 -11.74 14.02 7.59
CA TRP D 229 -12.20 13.77 6.23
C TRP D 229 -13.74 13.84 6.12
N ILE D 230 -14.45 13.20 7.04
CA ILE D 230 -15.93 13.21 7.07
C ILE D 230 -16.46 14.64 7.24
N GLN D 231 -15.91 15.35 8.22
CA GLN D 231 -16.29 16.74 8.54
C GLN D 231 -16.12 17.75 7.41
N SER D 232 -15.14 17.53 6.52
CA SER D 232 -14.96 18.36 5.32
C SER D 232 -16.15 18.39 4.33
N PHE D 233 -17.02 17.38 4.36
CA PHE D 233 -18.26 17.33 3.55
C PHE D 233 -19.47 18.05 4.18
N LEU D 234 -19.40 18.35 5.49
CA LEU D 234 -20.56 18.77 6.29
C LEU D 234 -20.92 20.26 6.30
N HIS D 235 -22.23 20.53 6.13
CA HIS D 235 -22.87 21.84 6.27
C HIS D 235 -23.99 21.70 7.32
#